data_6OCB
#
_entry.id   6OCB
#
_cell.length_a   84.554
_cell.length_b   84.554
_cell.length_c   271.737
_cell.angle_alpha   90.00
_cell.angle_beta   90.00
_cell.angle_gamma   90.00
#
_symmetry.space_group_name_H-M   'P 41 21 2'
#
loop_
_entity.id
_entity.type
_entity.pdbx_description
1 polymer 'Heavy chain of FluA-20 Fab'
2 polymer 'Light chain of FluA-20 Fab'
3 polymer Hemagglutinin
4 non-polymer 2-acetamido-2-deoxy-beta-D-glucopyranose
5 water water
#
loop_
_entity_poly.entity_id
_entity_poly.type
_entity_poly.pdbx_seq_one_letter_code
_entity_poly.pdbx_strand_id
1 'polypeptide(L)'
;QVQLEESGPGLVKPSETLSLTCSVSGVSVTSDIYYWTWIRQPPGKGLEWIGYIFYNGDTNYNPSLKSRVTMSIDTSKNEF
SLRLTSVTAADTAVYFCARGTEDLGYCSSGSCPNHWGQGTLVTVSSASTKGPSVFPLAPSSKSTSGGTAALGCLVKDYFP
EPVTVSWNSGALTSGVHTFPAVLQSSGLYSLSSVVTVPSSSLGTQTYICNVNHKPSNTKVDKRVEPKSCHHHHHH
;
H
2 'polypeptide(L)'
;DIVMTQSPSSLSASIGDRVTITCRPSQNIRSFLNWFQHKPGKAPKLLIYAASNLQSGVPSRFSGSGSGTEFTLTIRSLQP
EDFATYYCQQSYNTPPTFGQGTKVEIKRTVAAPSVFIFPPSDEQLKSGTASVVCLLNNFYPREAKVQWKVDNALQSGNSQ
ESVTEQDSKDSTYSLSSTLTLSKADYEKHKVYACEVTHQGLSSPVTKSFNRGEC
;
L
3 'polypeptide(L)'
;VQSSSTGKICNNPHRILDGIDCTLIDALLGDPHCDVFQNETWDLFVERSKAFSNCYPYDVPDYASLRSLVASSGTLEFIT
EGFTWTGVTQNGGSNACKRGPGSGFFSRLNWLTKSGSTYPVLNVTMPNNDNFDKLYIWGVHHPSTNQEQTSLYVQASGRV
TVSTRRSQQTIIPNIGSRPWVRGLSSRISIYWTIVKPGDVLVINSNGNLIAPRGYFKMRTGKSSIMRSDAPIDTCISECI
TPNGSIPNDKPFQNVNKITYGACPKYVGHHHHHH
;
A
#
loop_
_chem_comp.id
_chem_comp.type
_chem_comp.name
_chem_comp.formula
NAG D-saccharide, beta linking 2-acetamido-2-deoxy-beta-D-glucopyranose 'C8 H15 N O6'
#
# COMPACT_ATOMS: atom_id res chain seq x y z
N GLN A 1 -13.87 4.13 5.61
CA GLN A 1 -14.69 2.93 5.63
C GLN A 1 -14.26 1.92 6.72
N VAL A 2 -12.99 1.95 7.16
CA VAL A 2 -12.56 1.26 8.37
C VAL A 2 -11.53 2.09 9.14
N GLN A 3 -11.60 2.08 10.47
CA GLN A 3 -10.53 2.62 11.31
C GLN A 3 -9.84 1.54 12.15
N LEU A 4 -8.53 1.66 12.29
CA LEU A 4 -7.67 0.61 12.85
C LEU A 4 -6.73 1.20 13.91
N GLU A 5 -7.02 0.97 15.19
CA GLU A 5 -6.26 1.50 16.34
C GLU A 5 -5.46 0.38 17.06
N GLU A 6 -4.13 0.50 17.11
CA GLU A 6 -3.27 -0.51 17.71
C GLU A 6 -3.05 -0.19 19.18
N SER A 7 -2.89 -1.24 19.99
CA SER A 7 -2.67 -1.14 21.44
C SER A 7 -1.77 -2.27 21.94
N GLY A 8 -1.13 -2.03 23.08
CA GLY A 8 -0.23 -3.00 23.64
C GLY A 8 0.85 -2.37 24.48
N PRO A 9 1.70 -3.18 25.09
CA PRO A 9 2.44 -2.71 26.28
C PRO A 9 3.32 -1.51 26.01
N GLY A 10 4.15 -1.56 24.98
CA GLY A 10 5.17 -0.59 24.74
C GLY A 10 6.53 -1.01 25.22
N LEU A 11 6.59 -1.77 26.31
CA LEU A 11 7.86 -2.28 26.82
C LEU A 11 7.66 -3.74 27.18
N VAL A 12 8.51 -4.60 26.64
CA VAL A 12 8.48 -6.03 26.93
C VAL A 12 9.91 -6.45 27.27
N LYS A 13 10.06 -7.33 28.26
CA LYS A 13 11.39 -7.75 28.62
C LYS A 13 11.87 -8.86 27.69
N PRO A 14 13.19 -8.94 27.48
CA PRO A 14 13.75 -9.98 26.62
C PRO A 14 13.35 -11.37 27.09
N SER A 15 13.08 -12.25 26.11
CA SER A 15 12.62 -13.63 26.23
C SER A 15 11.13 -13.72 26.59
N GLU A 16 10.46 -12.62 26.87
CA GLU A 16 9.05 -12.65 27.21
C GLU A 16 8.21 -12.58 25.93
N THR A 17 6.89 -12.61 26.10
CA THR A 17 5.97 -12.66 24.97
C THR A 17 5.40 -11.28 24.68
N LEU A 18 5.42 -10.90 23.42
CA LEU A 18 4.85 -9.65 22.96
C LEU A 18 3.43 -9.90 22.50
N SER A 19 2.49 -9.11 23.02
CA SER A 19 1.08 -9.20 22.65
C SER A 19 0.62 -7.82 22.19
N LEU A 20 -0.04 -7.78 21.04
CA LEU A 20 -0.64 -6.55 20.56
C LEU A 20 -2.09 -6.77 20.11
N THR A 21 -2.89 -5.73 20.20
CA THR A 21 -4.28 -5.80 19.76
C THR A 21 -4.56 -4.65 18.82
N CYS A 22 -5.45 -4.91 17.86
CA CYS A 22 -5.93 -3.93 16.89
C CYS A 22 -7.44 -3.78 17.02
N SER A 23 -7.87 -2.61 17.46
CA SER A 23 -9.30 -2.35 17.54
C SER A 23 -9.81 -1.85 16.19
N VAL A 24 -10.82 -2.52 15.66
CA VAL A 24 -11.33 -2.28 14.33
C VAL A 24 -12.64 -1.52 14.47
N SER A 25 -12.80 -0.43 13.74
CA SER A 25 -14.07 0.28 13.67
C SER A 25 -14.51 0.44 12.22
N GLY A 26 -15.80 0.28 11.96
CA GLY A 26 -16.36 0.57 10.66
C GLY A 26 -16.71 -0.65 9.85
N VAL A 27 -16.07 -1.79 10.12
CA VAL A 27 -16.46 -3.08 9.58
C VAL A 27 -16.34 -4.13 10.66
N SER A 28 -16.90 -5.29 10.36
CA SER A 28 -16.87 -6.43 11.23
C SER A 28 -15.70 -7.32 10.84
N VAL A 29 -14.98 -7.80 11.86
CA VAL A 29 -13.93 -8.80 11.69
C VAL A 29 -14.46 -10.16 11.26
N THR A 30 -15.80 -10.37 11.19
CA THR A 30 -16.39 -11.65 10.76
C THR A 30 -16.67 -11.76 9.25
N SER A 31 -16.30 -10.78 8.47
CA SER A 31 -16.50 -10.74 7.02
C SER A 31 -15.61 -11.72 6.26
N ASP A 32 -16.22 -12.47 5.37
CA ASP A 32 -15.59 -13.48 4.54
C ASP A 32 -14.50 -13.01 3.61
N ILE A 33 -14.46 -11.75 3.24
CA ILE A 33 -13.44 -11.32 2.30
C ILE A 33 -12.29 -10.50 2.80
N TYR A 34 -12.29 -10.10 4.06
CA TYR A 34 -11.18 -9.28 4.48
C TYR A 34 -10.21 -10.16 5.23
N TYR A 35 -8.96 -9.74 5.17
CA TYR A 35 -7.96 -10.32 6.02
C TYR A 35 -7.25 -9.22 6.79
N TRP A 36 -6.64 -9.63 7.91
CA TRP A 36 -6.09 -8.73 8.90
C TRP A 36 -4.62 -9.09 9.00
N THR A 37 -3.77 -8.07 8.97
CA THR A 37 -2.33 -8.23 8.76
C THR A 37 -1.59 -7.44 9.81
N TRP A 38 -0.40 -7.93 10.16
CA TRP A 38 0.57 -7.15 10.91
C TRP A 38 1.84 -6.99 10.08
N ILE A 39 2.44 -5.81 10.20
CA ILE A 39 3.71 -5.45 9.58
C ILE A 39 4.53 -4.71 10.64
N ARG A 40 5.85 -4.76 10.52
CA ARG A 40 6.68 -4.06 11.51
C ARG A 40 7.85 -3.39 10.80
N GLN A 41 8.42 -2.42 11.49
CA GLN A 41 9.57 -1.70 10.99
C GLN A 41 10.47 -1.38 12.17
N PRO A 42 11.60 -2.07 12.28
CA PRO A 42 12.59 -1.68 13.30
C PRO A 42 13.08 -0.30 13.06
N PRO A 43 13.48 0.45 14.13
CA PRO A 43 14.07 1.80 13.97
C PRO A 43 15.12 1.87 12.87
N GLY A 44 14.91 2.72 11.86
CA GLY A 44 15.93 2.90 10.85
C GLY A 44 16.10 1.73 9.90
N LYS A 45 15.19 0.76 9.92
CA LYS A 45 15.25 -0.38 9.02
C LYS A 45 14.01 -0.44 8.10
N GLY A 46 13.93 -1.51 7.32
CA GLY A 46 12.85 -1.63 6.37
C GLY A 46 11.58 -2.21 6.98
N LEU A 47 10.52 -2.19 6.17
CA LEU A 47 9.26 -2.79 6.58
C LEU A 47 9.35 -4.30 6.41
N GLU A 48 8.83 -5.02 7.41
CA GLU A 48 8.79 -6.46 7.39
C GLU A 48 7.37 -6.98 7.64
N TRP A 49 6.83 -7.69 6.65
CA TRP A 49 5.50 -8.27 6.77
C TRP A 49 5.52 -9.45 7.74
N ILE A 50 4.54 -9.52 8.63
CA ILE A 50 4.48 -10.57 9.65
C ILE A 50 3.54 -11.70 9.27
N GLY A 51 2.32 -11.37 8.89
CA GLY A 51 1.38 -12.39 8.47
C GLY A 51 -0.02 -11.83 8.27
N TYR A 52 -0.91 -12.72 7.83
CA TYR A 52 -2.32 -12.40 7.68
C TYR A 52 -3.19 -13.46 8.35
N ILE A 53 -4.41 -13.06 8.71
CA ILE A 53 -5.40 -14.01 9.21
C ILE A 53 -6.75 -13.64 8.61
N PHE A 54 -7.47 -14.66 8.16
CA PHE A 54 -8.85 -14.61 7.73
C PHE A 54 -9.77 -15.15 8.81
N TYR A 55 -10.99 -14.61 8.84
CA TYR A 55 -11.99 -15.10 9.78
C TYR A 55 -12.17 -16.61 9.66
N ASN A 56 -12.13 -17.16 8.44
CA ASN A 56 -12.31 -18.61 8.27
C ASN A 56 -11.16 -19.44 8.82
N GLY A 57 -10.09 -18.85 9.35
CA GLY A 57 -9.06 -19.63 9.99
C GLY A 57 -7.79 -19.68 9.18
N ASP A 58 -7.85 -19.32 7.90
CA ASP A 58 -6.65 -19.38 7.08
C ASP A 58 -5.68 -18.28 7.50
N THR A 59 -4.42 -18.68 7.73
CA THR A 59 -3.34 -17.81 8.17
C THR A 59 -2.10 -18.06 7.32
N ASN A 60 -1.19 -17.10 7.35
CA ASN A 60 0.13 -17.28 6.74
C ASN A 60 1.09 -16.32 7.43
N TYR A 61 2.17 -16.84 7.98
CA TYR A 61 3.15 -16.05 8.70
C TYR A 61 4.49 -16.07 7.98
N ASN A 62 5.18 -14.94 8.01
CA ASN A 62 6.52 -14.85 7.46
C ASN A 62 7.40 -15.98 7.99
N PRO A 63 8.07 -16.75 7.13
CA PRO A 63 8.96 -17.84 7.62
C PRO A 63 10.03 -17.36 8.57
N SER A 64 10.45 -16.10 8.47
CA SER A 64 11.41 -15.57 9.42
C SER A 64 10.86 -15.58 10.85
N LEU A 65 9.54 -15.58 11.01
CA LEU A 65 8.87 -15.43 12.30
C LEU A 65 7.88 -16.55 12.60
N LYS A 66 7.57 -17.43 11.64
CA LYS A 66 6.45 -18.37 11.76
C LYS A 66 6.56 -19.27 12.99
N SER A 67 7.75 -19.66 13.38
CA SER A 67 7.85 -20.53 14.54
C SER A 67 7.73 -19.78 15.84
N ARG A 68 7.51 -18.46 15.81
CA ARG A 68 7.27 -17.70 17.02
C ARG A 68 6.00 -16.86 17.02
N VAL A 69 5.26 -16.77 15.92
CA VAL A 69 4.19 -15.80 15.84
C VAL A 69 2.86 -16.54 15.68
N THR A 70 1.82 -16.00 16.32
CA THR A 70 0.43 -16.34 16.03
C THR A 70 -0.43 -15.09 16.02
N MET A 71 -1.56 -15.21 15.34
CA MET A 71 -2.57 -14.17 15.26
C MET A 71 -3.92 -14.78 15.53
N SER A 72 -4.85 -13.93 15.98
CA SER A 72 -6.21 -14.36 16.24
C SER A 72 -7.13 -13.17 15.98
N ILE A 73 -8.41 -13.49 15.81
CA ILE A 73 -9.46 -12.52 15.59
C ILE A 73 -10.41 -12.71 16.75
N ASP A 74 -10.79 -11.61 17.40
CA ASP A 74 -11.78 -11.67 18.48
C ASP A 74 -13.08 -11.08 17.93
N THR A 75 -14.04 -11.95 17.63
CA THR A 75 -15.26 -11.46 17.00
C THR A 75 -16.11 -10.66 17.98
N SER A 76 -16.12 -11.07 19.26
CA SER A 76 -16.95 -10.43 20.27
C SER A 76 -16.60 -8.95 20.48
N LYS A 77 -15.29 -8.63 20.45
CA LYS A 77 -14.71 -7.29 20.67
C LYS A 77 -14.37 -6.53 19.40
N ASN A 78 -14.57 -7.15 18.24
CA ASN A 78 -14.22 -6.61 16.95
C ASN A 78 -12.76 -6.20 16.95
N GLU A 79 -11.89 -7.15 17.33
CA GLU A 79 -10.45 -6.92 17.43
C GLU A 79 -9.70 -8.04 16.73
N PHE A 80 -8.43 -7.81 16.41
CA PHE A 80 -7.56 -8.94 16.07
C PHE A 80 -6.23 -8.69 16.73
N SER A 81 -5.39 -9.73 16.81
CA SER A 81 -4.27 -9.66 17.73
C SER A 81 -3.04 -10.35 17.16
N LEU A 82 -1.92 -9.96 17.73
CA LEU A 82 -0.62 -10.51 17.42
C LEU A 82 -0.01 -11.04 18.70
N ARG A 83 0.59 -12.21 18.62
CA ARG A 83 1.33 -12.80 19.71
C ARG A 83 2.69 -13.25 19.21
N LEU A 84 3.76 -12.76 19.82
CA LEU A 84 5.10 -13.06 19.35
C LEU A 84 5.92 -13.51 20.56
N THR A 85 6.38 -14.76 20.54
CA THR A 85 7.06 -15.31 21.71
C THR A 85 8.58 -15.04 21.67
N SER A 86 9.21 -15.15 22.85
CA SER A 86 10.68 -15.22 23.02
C SER A 86 11.40 -14.07 22.31
N VAL A 87 10.96 -12.84 22.64
CA VAL A 87 11.44 -11.66 21.93
C VAL A 87 12.85 -11.30 22.33
N THR A 88 13.54 -10.62 21.42
CA THR A 88 14.88 -10.07 21.61
C THR A 88 14.84 -8.63 21.12
N ALA A 89 15.97 -7.94 21.21
CA ALA A 89 16.08 -6.56 20.71
C ALA A 89 15.79 -6.46 19.22
N ALA A 90 15.94 -7.54 18.46
CA ALA A 90 15.61 -7.52 17.04
C ALA A 90 14.12 -7.30 16.83
N ASP A 91 13.29 -7.52 17.84
CA ASP A 91 11.84 -7.37 17.71
C ASP A 91 11.34 -6.00 18.14
N THR A 92 12.22 -5.13 18.65
CA THR A 92 11.87 -3.73 18.88
C THR A 92 11.57 -3.11 17.52
N ALA A 93 10.38 -2.55 17.40
CA ALA A 93 9.90 -2.07 16.11
C ALA A 93 8.59 -1.34 16.33
N VAL A 94 8.24 -0.56 15.32
CA VAL A 94 6.88 -0.09 15.18
C VAL A 94 6.10 -1.21 14.50
N TYR A 95 4.99 -1.58 15.12
CA TYR A 95 4.09 -2.62 14.64
C TYR A 95 2.82 -1.96 14.12
N PHE A 96 2.48 -2.26 12.88
CA PHE A 96 1.32 -1.72 12.18
C PHE A 96 0.32 -2.85 12.00
N CYS A 97 -0.94 -2.59 12.33
CA CYS A 97 -2.00 -3.49 11.89
C CYS A 97 -2.62 -2.96 10.60
N ALA A 98 -3.26 -3.85 9.83
CA ALA A 98 -3.77 -3.42 8.53
C ALA A 98 -4.88 -4.37 8.09
N ARG A 99 -5.76 -3.87 7.23
CA ARG A 99 -6.80 -4.67 6.58
C ARG A 99 -6.50 -4.79 5.10
N GLY A 100 -6.75 -5.94 4.49
CA GLY A 100 -6.82 -6.06 3.03
C GLY A 100 -8.09 -6.82 2.61
N THR A 101 -8.33 -6.84 1.31
CA THR A 101 -9.53 -7.45 0.72
C THR A 101 -9.04 -8.51 -0.27
N GLU A 102 -9.43 -9.77 -0.07
CA GLU A 102 -9.09 -10.89 -1.00
C GLU A 102 -9.47 -10.42 -2.43
N ASP A 103 -8.52 -10.55 -3.37
CA ASP A 103 -8.60 -9.99 -4.73
C ASP A 103 -7.62 -10.74 -5.65
N LEU A 104 -7.90 -12.02 -5.83
CA LEU A 104 -7.02 -12.97 -6.54
C LEU A 104 -6.84 -12.63 -8.02
N GLY A 105 -7.65 -11.76 -8.60
CA GLY A 105 -7.34 -11.23 -9.95
C GLY A 105 -6.10 -10.33 -10.00
N TYR A 106 -5.61 -9.79 -8.89
CA TYR A 106 -4.63 -8.69 -8.90
C TYR A 106 -3.58 -8.84 -7.79
N CYS A 107 -3.73 -9.82 -6.93
CA CYS A 107 -2.97 -9.94 -5.67
C CYS A 107 -2.89 -11.39 -5.22
N SER A 108 -1.78 -11.85 -4.68
CA SER A 108 -1.76 -13.21 -4.03
C SER A 108 -2.72 -13.13 -2.84
N SER A 109 -3.24 -14.28 -2.40
CA SER A 109 -4.13 -14.33 -1.22
C SER A 109 -3.45 -13.62 -0.02
N GLY A 110 -4.15 -12.70 0.62
CA GLY A 110 -3.76 -12.06 1.89
C GLY A 110 -2.50 -11.20 1.79
N SER A 111 -2.16 -10.65 0.62
CA SER A 111 -0.79 -10.08 0.37
C SER A 111 -0.79 -8.59 0.03
N CYS A 112 -1.99 -7.85 0.21
CA CYS A 112 -2.09 -6.45 -0.20
C CYS A 112 -2.81 -5.63 0.87
N PRO A 113 -2.22 -5.48 2.06
CA PRO A 113 -2.88 -4.68 3.10
C PRO A 113 -3.02 -3.23 2.66
N ASN A 114 -4.25 -2.74 2.57
CA ASN A 114 -4.44 -1.42 1.97
C ASN A 114 -5.07 -0.39 2.92
N HIS A 115 -5.35 -0.74 4.17
CA HIS A 115 -5.77 0.23 5.17
C HIS A 115 -4.96 -0.11 6.41
N TRP A 116 -4.05 0.79 6.76
CA TRP A 116 -3.14 0.57 7.89
C TRP A 116 -3.47 1.47 9.04
N GLY A 117 -3.16 0.99 10.23
CA GLY A 117 -3.07 1.79 11.44
C GLY A 117 -1.78 2.61 11.46
N GLN A 118 -1.69 3.51 12.43
CA GLN A 118 -0.51 4.36 12.45
C GLN A 118 0.69 3.72 13.14
N GLY A 119 0.51 2.56 13.74
CA GLY A 119 1.64 1.86 14.28
C GLY A 119 1.81 2.15 15.77
N THR A 120 2.33 1.18 16.50
CA THR A 120 2.65 1.38 17.90
C THR A 120 4.06 0.84 18.13
N LEU A 121 4.87 1.61 18.84
CA LEU A 121 6.25 1.22 19.11
C LEU A 121 6.31 0.19 20.24
N VAL A 122 7.05 -0.88 20.02
CA VAL A 122 7.36 -1.83 21.09
C VAL A 122 8.86 -1.88 21.29
N THR A 123 9.30 -1.65 22.52
CA THR A 123 10.71 -1.71 22.88
C THR A 123 10.98 -2.95 23.71
N VAL A 124 11.95 -3.75 23.28
CA VAL A 124 12.34 -4.93 24.04
C VAL A 124 13.54 -4.50 24.87
N SER A 125 13.39 -4.49 26.19
CA SER A 125 14.42 -4.01 27.10
C SER A 125 14.18 -4.52 28.52
N SER A 126 15.27 -4.69 29.26
CA SER A 126 15.19 -5.02 30.68
C SER A 126 15.04 -3.78 31.56
N ALA A 127 15.21 -2.58 31.02
CA ALA A 127 15.12 -1.36 31.82
C ALA A 127 13.68 -1.11 32.25
N SER A 128 13.51 -0.42 33.37
CA SER A 128 12.17 -0.17 33.87
C SER A 128 11.55 1.08 33.23
N THR A 129 10.21 1.18 33.35
CA THR A 129 9.46 2.35 32.91
C THR A 129 9.81 3.57 33.75
N LYS A 130 9.76 4.74 33.12
CA LYS A 130 9.96 5.97 33.87
C LYS A 130 9.13 7.09 33.27
N GLY A 131 8.34 7.77 34.10
CA GLY A 131 7.55 8.87 33.60
C GLY A 131 8.36 10.13 33.47
N PRO A 132 7.92 11.04 32.61
CA PRO A 132 8.71 12.24 32.37
C PRO A 132 8.55 13.27 33.47
N SER A 133 9.54 14.12 33.57
CA SER A 133 9.38 15.38 34.27
C SER A 133 9.16 16.41 33.18
N VAL A 134 8.31 17.39 33.44
CA VAL A 134 7.93 18.27 32.35
C VAL A 134 8.23 19.68 32.83
N PHE A 135 9.01 20.43 32.05
CA PHE A 135 9.36 21.75 32.49
C PHE A 135 8.97 22.76 31.43
N PRO A 136 8.59 23.96 31.87
CA PRO A 136 8.20 25.04 30.95
C PRO A 136 9.39 25.69 30.21
N LEU A 137 9.14 26.05 28.97
CA LEU A 137 9.99 26.99 28.20
C LEU A 137 9.40 28.39 28.08
N ALA A 138 9.76 29.29 29.03
CA ALA A 138 9.08 30.58 29.13
C ALA A 138 9.56 31.57 28.06
N PRO A 139 8.65 32.45 27.59
CA PRO A 139 9.00 33.47 26.58
C PRO A 139 9.91 34.60 27.07
N SER A 140 10.82 35.04 26.21
CA SER A 140 11.78 36.12 26.49
C SER A 140 11.11 37.48 26.76
N GLY A 146 10.44 40.92 17.78
CA GLY A 146 9.84 41.82 16.82
C GLY A 146 8.44 41.43 16.38
N GLY A 147 7.64 40.95 17.33
CA GLY A 147 6.23 40.67 17.09
C GLY A 147 5.77 39.29 17.50
N THR A 148 6.65 38.29 17.39
CA THR A 148 6.32 36.89 17.67
C THR A 148 7.19 36.34 18.79
N ALA A 149 6.55 35.66 19.74
CA ALA A 149 7.22 35.02 20.84
C ALA A 149 7.06 33.51 20.68
N ALA A 150 8.03 32.77 21.19
CA ALA A 150 8.01 31.32 21.22
C ALA A 150 7.96 30.81 22.65
N LEU A 151 7.24 29.71 22.87
CA LEU A 151 7.20 29.10 24.18
C LEU A 151 7.05 27.61 23.98
N GLY A 152 7.26 26.85 25.05
CA GLY A 152 7.16 25.42 24.91
C GLY A 152 7.24 24.72 26.25
N CYS A 153 7.32 23.40 26.18
CA CYS A 153 7.51 22.57 27.39
C CYS A 153 8.59 21.52 27.15
N LEU A 154 9.49 21.36 28.11
CA LEU A 154 10.53 20.33 28.10
C LEU A 154 10.13 19.07 28.86
N VAL A 155 10.22 17.93 28.19
CA VAL A 155 9.75 16.63 28.69
C VAL A 155 11.00 15.77 28.86
N LYS A 156 11.50 15.62 30.09
CA LYS A 156 12.85 15.10 30.28
C LYS A 156 12.84 13.77 31.03
N ASP A 157 13.67 12.82 30.60
CA ASP A 157 13.97 11.63 31.41
C ASP A 157 12.80 10.65 31.52
N TYR A 158 12.36 10.11 30.38
CA TYR A 158 11.32 9.09 30.41
C TYR A 158 11.81 7.86 29.67
N PHE A 159 11.11 6.76 29.89
CA PHE A 159 11.47 5.50 29.23
C PHE A 159 10.30 4.50 29.30
N PRO A 160 10.04 3.77 28.20
CA PRO A 160 10.62 3.93 26.87
C PRO A 160 9.86 5.01 26.11
N GLU A 161 10.11 5.18 24.81
CA GLU A 161 9.29 6.03 23.96
C GLU A 161 7.89 5.48 23.70
N PRO A 162 6.93 6.34 23.30
CA PRO A 162 6.85 7.79 23.08
C PRO A 162 6.10 8.55 24.17
N VAL A 163 6.23 9.88 24.16
CA VAL A 163 5.32 10.81 24.84
C VAL A 163 4.47 11.49 23.76
N THR A 164 3.27 11.94 24.12
CA THR A 164 2.47 12.81 23.26
C THR A 164 2.29 14.16 23.93
N VAL A 165 2.29 15.22 23.13
CA VAL A 165 2.13 16.57 23.65
C VAL A 165 1.03 17.31 22.90
N SER A 166 0.10 17.93 23.62
CA SER A 166 -0.83 18.90 23.05
C SER A 166 -0.65 20.21 23.81
N TRP A 167 -1.24 21.28 23.29
CA TRP A 167 -1.16 22.62 23.92
C TRP A 167 -2.54 23.18 24.24
N ASN A 168 -2.94 23.25 25.48
CA ASN A 168 -4.37 23.53 25.56
C ASN A 168 -5.25 22.35 25.04
N SER A 169 -5.07 21.13 25.52
CA SER A 169 -5.87 19.96 25.11
C SER A 169 -6.30 19.77 23.65
N GLY A 170 -5.41 19.98 22.70
CA GLY A 170 -5.77 19.79 21.31
C GLY A 170 -6.32 21.03 20.65
N ALA A 171 -6.46 22.10 21.41
CA ALA A 171 -6.97 23.36 20.85
C ALA A 171 -5.88 24.17 20.16
N LEU A 172 -4.83 24.59 20.86
CA LEU A 172 -3.76 25.26 20.12
C LEU A 172 -3.01 24.22 19.29
N THR A 173 -3.08 24.36 17.96
CA THR A 173 -2.42 23.40 17.08
C THR A 173 -1.53 23.99 15.99
N SER A 174 -1.89 25.12 15.42
CA SER A 174 -1.07 25.73 14.39
C SER A 174 0.26 26.20 14.98
N GLY A 175 1.38 25.90 14.32
CA GLY A 175 2.66 26.40 14.83
C GLY A 175 3.35 25.52 15.85
N VAL A 176 2.86 24.31 16.06
CA VAL A 176 3.39 23.41 17.06
C VAL A 176 4.52 22.61 16.42
N HIS A 177 5.64 22.46 17.13
CA HIS A 177 6.68 21.51 16.74
C HIS A 177 7.00 20.62 17.93
N THR A 178 6.76 19.32 17.79
CA THR A 178 7.19 18.35 18.80
C THR A 178 8.39 17.59 18.25
N PHE A 179 9.52 17.77 18.88
CA PHE A 179 10.79 17.27 18.38
C PHE A 179 10.95 15.78 18.62
N PRO A 180 11.67 15.10 17.72
CA PRO A 180 12.07 13.71 17.99
C PRO A 180 12.85 13.64 19.30
N ALA A 181 12.62 12.57 20.07
CA ALA A 181 13.29 12.36 21.33
C ALA A 181 14.79 12.13 21.11
N VAL A 182 15.61 12.54 22.09
CA VAL A 182 17.03 12.22 22.09
C VAL A 182 17.31 11.26 23.24
N LEU A 183 18.13 10.26 22.96
CA LEU A 183 18.60 9.35 23.99
C LEU A 183 19.75 9.98 24.74
N GLN A 184 19.60 10.20 26.04
CA GLN A 184 20.68 10.80 26.81
C GLN A 184 21.68 9.72 27.23
N SER A 185 22.86 10.16 27.69
CA SER A 185 23.88 9.21 28.12
C SER A 185 23.39 8.39 29.31
N SER A 186 22.37 8.86 30.02
CA SER A 186 21.78 8.13 31.14
C SER A 186 20.90 6.96 30.68
N GLY A 187 20.64 6.83 29.38
CA GLY A 187 19.74 5.82 28.87
C GLY A 187 18.26 6.19 28.90
N LEU A 188 17.93 7.41 29.30
CA LEU A 188 16.57 7.90 29.30
C LEU A 188 16.39 8.93 28.17
N TYR A 189 15.15 9.11 27.71
CA TYR A 189 14.83 10.01 26.61
C TYR A 189 14.45 11.40 27.11
N SER A 190 14.56 12.36 26.20
CA SER A 190 14.09 13.70 26.49
C SER A 190 13.65 14.32 25.17
N LEU A 191 12.64 15.20 25.22
CA LEU A 191 12.25 15.96 24.04
C LEU A 191 11.66 17.29 24.48
N SER A 192 11.49 18.19 23.51
CA SER A 192 10.77 19.44 23.69
C SER A 192 9.62 19.57 22.69
N SER A 193 8.55 20.27 23.11
CA SER A 193 7.47 20.73 22.22
C SER A 193 7.38 22.24 22.31
N VAL A 194 7.34 22.92 21.17
CA VAL A 194 7.28 24.38 21.13
C VAL A 194 6.08 24.87 20.29
N VAL A 195 5.70 26.13 20.52
CA VAL A 195 4.66 26.79 19.71
C VAL A 195 5.01 28.26 19.55
N THR A 196 4.71 28.82 18.36
CA THR A 196 4.85 30.27 18.18
C THR A 196 3.49 30.95 18.31
N VAL A 197 3.51 32.08 19.04
CA VAL A 197 2.32 32.88 19.39
C VAL A 197 2.62 34.38 19.36
N PRO A 198 1.57 35.21 19.34
CA PRO A 198 1.83 36.65 19.40
C PRO A 198 2.51 37.11 20.71
N SER A 199 3.54 37.96 20.57
CA SER A 199 4.08 38.56 21.79
C SER A 199 2.98 39.33 22.52
N SER A 200 2.06 39.97 21.77
CA SER A 200 0.95 40.76 22.32
C SER A 200 0.00 39.89 23.10
N SER A 201 0.20 38.59 22.99
CA SER A 201 -0.64 37.64 23.66
C SER A 201 -0.09 37.22 25.03
N LEU A 202 1.17 37.52 25.36
CA LEU A 202 1.78 36.95 26.55
C LEU A 202 1.14 37.48 27.85
N GLY A 203 0.64 38.72 27.85
CA GLY A 203 0.05 39.30 29.05
C GLY A 203 -1.33 38.80 29.42
N THR A 204 -2.09 38.25 28.48
CA THR A 204 -3.50 37.95 28.77
C THR A 204 -3.96 36.53 28.43
N GLN A 205 -3.33 35.77 27.54
CA GLN A 205 -3.91 34.43 27.18
C GLN A 205 -3.21 33.12 27.62
N THR A 206 -4.00 32.12 28.00
CA THR A 206 -3.52 30.83 28.55
C THR A 206 -2.97 29.70 27.68
N TYR A 207 -1.82 29.18 28.08
CA TYR A 207 -1.11 28.12 27.38
C TYR A 207 -0.65 27.00 28.28
N ILE A 208 -1.19 25.83 28.06
CA ILE A 208 -0.80 24.74 28.90
C ILE A 208 -0.36 23.57 28.08
N CYS A 209 0.88 23.17 28.25
CA CYS A 209 1.21 21.97 27.48
C CYS A 209 0.78 20.73 28.23
N ASN A 210 0.29 19.76 27.50
CA ASN A 210 -0.14 18.53 28.13
C ASN A 210 0.82 17.44 27.70
N VAL A 211 1.53 16.87 28.66
CA VAL A 211 2.52 15.85 28.32
C VAL A 211 1.98 14.57 28.90
N ASN A 212 1.75 13.64 28.00
CA ASN A 212 1.15 12.37 28.36
C ASN A 212 2.08 11.22 27.96
N HIS A 213 2.34 10.30 28.89
CA HIS A 213 3.20 9.11 28.70
C HIS A 213 2.52 7.83 29.17
N LYS A 214 1.92 7.11 28.22
CA LYS A 214 1.12 5.95 28.61
C LYS A 214 1.87 4.83 29.33
N PRO A 215 3.10 4.45 28.98
CA PRO A 215 3.76 3.38 29.75
C PRO A 215 3.90 3.69 31.25
N SER A 216 4.05 4.96 31.64
CA SER A 216 4.16 5.32 33.05
C SER A 216 2.86 5.86 33.59
N ASN A 217 1.80 5.80 32.78
CA ASN A 217 0.47 6.29 33.12
C ASN A 217 0.50 7.72 33.67
N THR A 218 1.31 8.57 33.05
CA THR A 218 1.52 9.93 33.52
C THR A 218 0.84 10.98 32.65
N LYS A 219 0.21 11.96 33.32
CA LYS A 219 -0.28 13.17 32.68
C LYS A 219 0.22 14.33 33.53
N VAL A 220 0.91 15.28 32.91
CA VAL A 220 1.51 16.37 33.65
C VAL A 220 1.10 17.61 32.85
N ASP A 221 0.54 18.62 33.51
CA ASP A 221 0.24 19.91 32.86
C ASP A 221 1.13 21.06 33.36
N LYS A 222 1.72 21.71 32.41
CA LYS A 222 2.47 22.84 32.77
C LYS A 222 1.80 23.97 32.03
N ARG A 223 1.81 25.09 32.70
CA ARG A 223 1.29 26.34 32.20
C ARG A 223 2.55 27.19 32.04
N VAL A 224 2.61 28.03 31.01
CA VAL A 224 3.84 28.80 30.79
C VAL A 224 3.74 30.35 30.87
N GLU A 225 4.74 31.05 31.42
CA GLU A 225 4.63 32.52 31.42
C GLU A 225 5.99 33.16 31.78
N PRO A 226 6.13 34.47 31.55
CA PRO A 226 7.37 35.20 31.84
C PRO A 226 8.04 34.71 33.12
N LYS A 227 9.37 34.75 33.15
CA LYS A 227 10.12 34.28 34.31
C LYS A 227 9.65 34.98 35.59
N ASP B 1 10.88 -13.56 0.10
CA ASP B 1 12.19 -14.07 -0.29
C ASP B 1 12.55 -13.40 -1.64
N ILE B 2 11.55 -12.86 -2.33
CA ILE B 2 11.81 -11.95 -3.45
C ILE B 2 12.39 -10.65 -2.90
N VAL B 3 13.56 -10.25 -3.42
CA VAL B 3 14.25 -9.05 -2.95
C VAL B 3 13.85 -7.89 -3.86
N MET B 4 13.39 -6.80 -3.25
CA MET B 4 12.97 -5.61 -3.98
C MET B 4 14.07 -4.57 -3.85
N THR B 5 14.63 -4.14 -4.97
CA THR B 5 15.69 -3.13 -5.03
C THR B 5 15.10 -1.84 -5.58
N GLN B 6 14.95 -0.86 -4.72
CA GLN B 6 14.40 0.44 -5.05
C GLN B 6 15.55 1.40 -5.25
N SER B 7 15.40 2.36 -6.16
CA SER B 7 16.44 3.37 -6.33
C SER B 7 15.84 4.66 -6.87
N PRO B 8 16.37 5.82 -6.43
CA PRO B 8 17.49 5.94 -5.48
C PRO B 8 16.97 5.74 -4.05
N SER B 9 17.86 5.65 -3.06
CA SER B 9 17.42 5.55 -1.68
C SER B 9 16.83 6.88 -1.21
N SER B 10 17.25 8.00 -1.81
CA SER B 10 16.83 9.33 -1.38
C SER B 10 16.98 10.24 -2.59
N LEU B 11 16.12 11.26 -2.65
CA LEU B 11 16.27 12.27 -3.69
C LEU B 11 15.68 13.56 -3.17
N SER B 12 16.14 14.67 -3.73
CA SER B 12 15.62 16.00 -3.45
C SER B 12 15.20 16.66 -4.76
N ALA B 13 14.04 17.31 -4.75
CA ALA B 13 13.58 17.94 -5.99
C ALA B 13 12.77 19.18 -5.67
N SER B 14 12.74 20.12 -6.61
CA SER B 14 12.01 21.35 -6.37
C SER B 14 10.51 21.15 -6.59
N ILE B 15 9.72 22.05 -5.98
CA ILE B 15 8.27 22.08 -6.19
C ILE B 15 7.96 22.30 -7.67
N GLY B 16 7.04 21.50 -8.19
CA GLY B 16 6.68 21.51 -9.60
C GLY B 16 7.46 20.56 -10.46
N ASP B 17 8.59 20.05 -9.98
CA ASP B 17 9.42 19.12 -10.73
C ASP B 17 8.79 17.73 -10.83
N ARG B 18 9.21 17.00 -11.86
CA ARG B 18 8.86 15.59 -12.08
C ARG B 18 9.85 14.64 -11.41
N VAL B 19 9.35 13.77 -10.53
CA VAL B 19 10.19 12.83 -9.77
C VAL B 19 9.89 11.38 -10.19
N THR B 20 10.93 10.55 -10.28
CA THR B 20 10.81 9.16 -10.75
C THR B 20 11.56 8.27 -9.78
N ILE B 21 10.90 7.21 -9.32
CA ILE B 21 11.48 6.21 -8.43
C ILE B 21 11.33 4.86 -9.10
N THR B 22 12.39 4.08 -9.11
CA THR B 22 12.38 2.78 -9.78
C THR B 22 12.44 1.64 -8.78
N CYS B 23 11.85 0.53 -9.20
CA CYS B 23 11.86 -0.67 -8.37
C CYS B 23 12.18 -1.85 -9.27
N ARG B 24 13.14 -2.67 -8.85
CA ARG B 24 13.55 -3.84 -9.61
C ARG B 24 13.50 -5.04 -8.68
N PRO B 25 12.54 -5.92 -8.87
CA PRO B 25 12.50 -7.16 -8.12
C PRO B 25 13.57 -8.12 -8.60
N SER B 26 13.86 -9.07 -7.73
CA SER B 26 14.86 -10.08 -7.99
C SER B 26 14.36 -11.19 -8.90
N GLN B 27 13.07 -11.23 -9.20
CA GLN B 27 12.54 -12.11 -10.25
C GLN B 27 11.32 -11.45 -10.85
N ASN B 28 10.89 -11.97 -11.99
CA ASN B 28 9.77 -11.37 -12.70
C ASN B 28 8.50 -11.52 -11.86
N ILE B 29 7.78 -10.42 -11.65
CA ILE B 29 6.58 -10.51 -10.83
C ILE B 29 5.35 -10.01 -11.59
N ARG B 30 5.44 -9.92 -12.91
CA ARG B 30 4.29 -9.53 -13.75
C ARG B 30 3.78 -8.18 -13.26
N SER B 31 2.50 -8.01 -12.91
CA SER B 31 2.01 -6.73 -12.40
C SER B 31 1.72 -6.77 -10.91
N PHE B 32 2.22 -7.77 -10.19
CA PHE B 32 1.85 -7.90 -8.79
C PHE B 32 2.82 -7.02 -7.97
N LEU B 33 2.59 -5.71 -8.08
CA LEU B 33 3.47 -4.74 -7.46
C LEU B 33 2.62 -3.55 -7.04
N ASN B 34 2.77 -3.14 -5.78
CA ASN B 34 2.10 -2.01 -5.16
C ASN B 34 3.11 -0.96 -4.70
N TRP B 35 2.66 0.29 -4.58
CA TRP B 35 3.46 1.40 -4.11
C TRP B 35 2.78 2.04 -2.92
N PHE B 36 3.54 2.27 -1.85
CA PHE B 36 3.03 2.85 -0.61
C PHE B 36 3.72 4.18 -0.38
N GLN B 37 3.02 5.09 0.26
CA GLN B 37 3.56 6.37 0.70
C GLN B 37 3.48 6.43 2.22
N HIS B 38 4.54 6.89 2.86
CA HIS B 38 4.55 6.99 4.32
C HIS B 38 5.06 8.37 4.74
N LYS B 39 4.15 9.23 5.11
CA LYS B 39 4.35 10.55 5.69
C LYS B 39 4.54 10.47 7.19
N PRO B 40 5.38 11.38 7.73
CA PRO B 40 5.80 11.28 9.15
C PRO B 40 4.59 11.27 10.06
N GLY B 41 4.56 10.28 10.92
CA GLY B 41 3.55 10.07 11.91
C GLY B 41 2.19 9.64 11.39
N LYS B 42 2.00 9.47 10.08
CA LYS B 42 0.73 8.96 9.58
C LYS B 42 0.86 7.49 9.17
N ALA B 43 -0.29 6.88 9.02
CA ALA B 43 -0.39 5.51 8.53
C ALA B 43 0.16 5.43 7.11
N PRO B 44 1.00 4.45 6.81
CA PRO B 44 1.34 4.17 5.41
C PRO B 44 0.07 4.01 4.58
N LYS B 45 0.12 4.55 3.37
CA LYS B 45 -1.03 4.64 2.46
C LYS B 45 -0.70 3.93 1.14
N LEU B 46 -1.61 3.07 0.70
CA LEU B 46 -1.41 2.46 -0.61
C LEU B 46 -1.73 3.51 -1.66
N LEU B 47 -0.75 3.83 -2.52
CA LEU B 47 -0.98 4.82 -3.57
C LEU B 47 -1.38 4.18 -4.88
N ILE B 48 -0.67 3.15 -5.26
CA ILE B 48 -0.82 2.50 -6.56
C ILE B 48 -0.90 1.03 -6.27
N TYR B 49 -1.87 0.40 -6.91
CA TYR B 49 -2.04 -1.02 -6.79
C TYR B 49 -1.95 -1.64 -8.16
N ALA B 50 -1.42 -2.85 -8.18
CA ALA B 50 -1.22 -3.60 -9.38
C ALA B 50 -0.58 -2.76 -10.46
N ALA B 51 0.59 -2.23 -10.09
CA ALA B 51 1.47 -1.44 -10.90
C ALA B 51 0.99 -0.10 -11.42
N SER B 52 -0.28 0.03 -11.68
CA SER B 52 -0.67 1.33 -12.25
C SER B 52 -1.98 1.92 -11.76
N ASN B 53 -2.68 1.29 -10.83
CA ASN B 53 -3.99 1.77 -10.43
C ASN B 53 -3.94 2.71 -9.26
N LEU B 54 -4.30 3.96 -9.51
CA LEU B 54 -4.39 5.00 -8.50
C LEU B 54 -5.53 4.75 -7.51
N GLN B 55 -5.18 4.76 -6.24
CA GLN B 55 -6.08 4.61 -5.09
C GLN B 55 -6.92 5.86 -4.84
N SER B 56 -8.04 5.66 -4.17
CA SER B 56 -8.95 6.76 -3.92
C SER B 56 -8.29 7.87 -3.10
N GLY B 57 -8.52 9.11 -3.54
CA GLY B 57 -7.93 10.24 -2.86
C GLY B 57 -6.53 10.56 -3.31
N VAL B 58 -5.91 9.73 -4.13
CA VAL B 58 -4.55 10.05 -4.55
C VAL B 58 -4.61 10.99 -5.75
N PRO B 59 -3.86 12.08 -5.73
CA PRO B 59 -3.88 13.03 -6.86
C PRO B 59 -3.33 12.44 -8.14
N SER B 60 -3.90 12.90 -9.25
CA SER B 60 -3.53 12.31 -10.53
C SER B 60 -2.10 12.66 -10.96
N ARG B 61 -1.39 13.54 -10.23
CA ARG B 61 0.02 13.72 -10.56
C ARG B 61 0.87 12.47 -10.28
N PHE B 62 0.35 11.50 -9.54
CA PHE B 62 1.01 10.22 -9.22
C PHE B 62 0.63 9.16 -10.25
N SER B 63 1.63 8.46 -10.82
CA SER B 63 1.34 7.42 -11.80
C SER B 63 2.36 6.30 -11.67
N GLY B 64 1.90 5.06 -11.85
CA GLY B 64 2.76 3.90 -11.77
C GLY B 64 2.80 3.25 -13.14
N SER B 65 3.95 2.70 -13.48
CA SER B 65 4.11 2.05 -14.79
C SER B 65 5.09 0.89 -14.66
N GLY B 66 5.15 0.08 -15.70
CA GLY B 66 6.08 -1.02 -15.77
C GLY B 66 5.43 -2.34 -15.43
N SER B 67 6.18 -3.41 -15.69
CA SER B 67 5.80 -4.78 -15.36
C SER B 67 6.99 -5.69 -15.53
N GLY B 68 6.90 -6.86 -14.91
CA GLY B 68 7.96 -7.83 -15.09
C GLY B 68 9.06 -7.61 -14.07
N THR B 69 10.13 -6.94 -14.47
CA THR B 69 11.20 -6.73 -13.53
C THR B 69 11.60 -5.27 -13.40
N GLU B 70 10.84 -4.33 -13.94
CA GLU B 70 11.19 -2.95 -13.71
C GLU B 70 9.90 -2.14 -13.61
N PHE B 71 9.78 -1.39 -12.52
CA PHE B 71 8.61 -0.57 -12.22
C PHE B 71 9.01 0.84 -11.85
N THR B 72 8.15 1.78 -12.21
CA THR B 72 8.41 3.20 -11.97
C THR B 72 7.20 3.87 -11.32
N LEU B 73 7.45 4.56 -10.23
CA LEU B 73 6.51 5.53 -9.67
C LEU B 73 6.94 6.93 -10.14
N THR B 74 6.04 7.67 -10.77
CA THR B 74 6.36 9.03 -11.17
C THR B 74 5.51 9.98 -10.34
N ILE B 75 6.11 11.04 -9.79
CA ILE B 75 5.33 12.16 -9.25
C ILE B 75 5.52 13.35 -10.18
N ARG B 76 4.51 13.73 -10.99
CA ARG B 76 4.76 14.69 -12.09
C ARG B 76 4.96 16.15 -11.67
N SER B 77 4.41 16.63 -10.56
CA SER B 77 4.81 18.01 -10.23
C SER B 77 4.71 18.05 -8.72
N LEU B 78 5.88 17.89 -8.13
CA LEU B 78 6.06 17.72 -6.70
C LEU B 78 5.47 18.88 -5.93
N GLN B 79 4.72 18.54 -4.90
CA GLN B 79 4.13 19.47 -3.95
C GLN B 79 4.70 19.23 -2.56
N PRO B 80 4.68 20.25 -1.70
CA PRO B 80 5.28 20.10 -0.36
C PRO B 80 4.70 18.92 0.40
N GLU B 81 3.39 18.66 0.23
CA GLU B 81 2.79 17.55 0.96
C GLU B 81 3.29 16.20 0.46
N ASP B 82 4.05 16.15 -0.64
CA ASP B 82 4.54 14.87 -1.09
C ASP B 82 5.82 14.44 -0.38
N PHE B 83 6.32 15.24 0.55
CA PHE B 83 7.43 14.78 1.39
C PHE B 83 7.01 13.50 2.11
N ALA B 84 7.77 12.44 1.92
CA ALA B 84 7.38 11.14 2.46
C ALA B 84 8.46 10.16 2.10
N THR B 85 8.35 8.94 2.67
CA THR B 85 9.14 7.81 2.18
C THR B 85 8.22 6.89 1.40
N TYR B 86 8.63 6.52 0.18
CA TYR B 86 7.84 5.69 -0.73
C TYR B 86 8.45 4.30 -0.78
N TYR B 87 7.61 3.27 -0.84
CA TYR B 87 8.04 1.88 -0.87
C TYR B 87 7.29 1.14 -1.97
N CYS B 88 8.00 0.29 -2.68
CA CYS B 88 7.36 -0.70 -3.53
C CYS B 88 7.12 -1.98 -2.73
N GLN B 89 6.15 -2.77 -3.16
CA GLN B 89 5.82 -4.00 -2.42
C GLN B 89 5.33 -5.04 -3.41
N GLN B 90 6.00 -6.18 -3.44
CA GLN B 90 5.54 -7.25 -4.31
C GLN B 90 4.48 -8.14 -3.64
N SER B 91 3.47 -8.52 -4.42
CA SER B 91 2.35 -9.34 -3.95
C SER B 91 2.27 -10.63 -4.75
N TYR B 92 3.42 -11.05 -5.28
CA TYR B 92 3.54 -12.16 -6.21
C TYR B 92 3.70 -13.49 -5.49
N ASN B 93 4.54 -13.57 -4.44
CA ASN B 93 4.46 -14.75 -3.65
C ASN B 93 4.71 -14.47 -2.20
N THR B 94 4.48 -15.31 -1.37
CA THR B 94 4.61 -15.07 0.07
C THR B 94 6.05 -15.37 0.50
N PRO B 95 6.58 -14.60 1.47
CA PRO B 95 5.91 -13.46 2.12
C PRO B 95 5.97 -12.21 1.22
N PRO B 96 4.93 -11.40 1.24
CA PRO B 96 5.04 -10.05 0.64
C PRO B 96 6.32 -9.38 1.13
N THR B 97 7.02 -8.70 0.22
CA THR B 97 8.25 -8.02 0.60
C THR B 97 8.25 -6.60 0.04
N PHE B 98 8.99 -5.71 0.73
CA PHE B 98 9.01 -4.30 0.43
C PHE B 98 10.40 -3.88 -0.02
N GLY B 99 10.45 -2.88 -0.89
CA GLY B 99 11.68 -2.16 -1.14
C GLY B 99 12.20 -1.46 0.10
N GLN B 100 13.48 -1.08 0.08
CA GLN B 100 14.03 -0.43 1.27
C GLN B 100 13.57 1.02 1.43
N GLY B 101 12.88 1.58 0.45
CA GLY B 101 12.22 2.86 0.57
C GLY B 101 13.01 3.97 -0.13
N THR B 102 12.31 5.01 -0.55
CA THR B 102 12.92 6.19 -1.14
C THR B 102 12.40 7.41 -0.43
N LYS B 103 13.28 8.11 0.25
CA LYS B 103 12.93 9.36 0.93
C LYS B 103 12.93 10.53 -0.04
N VAL B 104 11.78 11.16 -0.24
CA VAL B 104 11.66 12.30 -1.15
C VAL B 104 11.68 13.58 -0.33
N GLU B 105 12.67 14.44 -0.56
CA GLU B 105 12.76 15.72 0.15
C GLU B 105 12.52 16.85 -0.82
N ILE B 106 11.95 17.94 -0.33
CA ILE B 106 11.60 19.07 -1.17
C ILE B 106 12.70 20.12 -1.10
N LYS B 107 13.16 20.59 -2.25
CA LYS B 107 14.05 21.73 -2.32
C LYS B 107 13.18 22.98 -2.41
N ARG B 108 13.52 24.00 -1.63
CA ARG B 108 12.79 25.25 -1.65
C ARG B 108 13.81 26.37 -1.47
N THR B 109 13.36 27.61 -1.42
CA THR B 109 14.23 28.76 -1.23
C THR B 109 14.83 28.74 0.17
N VAL B 110 15.98 29.41 0.31
CA VAL B 110 16.62 29.52 1.60
C VAL B 110 15.71 30.26 2.57
N ALA B 111 15.62 29.77 3.79
CA ALA B 111 14.84 30.41 4.85
C ALA B 111 15.71 30.42 6.11
N ALA B 112 16.00 31.62 6.61
CA ALA B 112 16.81 31.75 7.80
C ALA B 112 16.01 31.28 9.01
N PRO B 113 16.65 30.68 10.01
CA PRO B 113 15.90 30.29 11.21
C PRO B 113 15.59 31.48 12.07
N SER B 114 14.45 31.40 12.76
CA SER B 114 14.18 32.26 13.90
C SER B 114 14.75 31.59 15.13
N VAL B 115 15.41 32.38 15.97
CA VAL B 115 16.14 31.78 17.08
C VAL B 115 15.54 32.22 18.40
N PHE B 116 15.40 31.27 19.31
CA PHE B 116 14.89 31.58 20.63
C PHE B 116 15.72 30.81 21.64
N ILE B 117 15.95 31.42 22.79
CA ILE B 117 16.68 30.76 23.87
C ILE B 117 15.79 30.78 25.10
N PHE B 118 15.81 29.67 25.85
CA PHE B 118 14.98 29.48 27.03
C PHE B 118 15.89 29.13 28.19
N PRO B 119 15.83 29.86 29.31
CA PRO B 119 16.65 29.45 30.48
C PRO B 119 16.01 28.26 31.17
N PRO B 120 16.73 27.53 32.01
CA PRO B 120 16.07 26.46 32.75
C PRO B 120 15.06 27.02 33.73
N SER B 121 13.95 26.29 33.88
CA SER B 121 12.95 26.69 34.87
C SER B 121 13.47 26.40 36.26
N ASP B 122 13.02 27.22 37.22
CA ASP B 122 13.41 27.02 38.62
C ASP B 122 12.97 25.67 39.16
N GLU B 123 11.84 25.16 38.68
CA GLU B 123 11.40 23.85 39.14
C GLU B 123 12.42 22.76 38.84
N GLN B 124 13.04 22.79 37.66
CA GLN B 124 14.05 21.78 37.34
C GLN B 124 15.32 21.95 38.18
N LEU B 125 15.72 23.19 38.46
CA LEU B 125 16.97 23.37 39.20
C LEU B 125 16.92 22.64 40.55
N LYS B 126 15.76 22.54 41.20
CA LYS B 126 15.69 21.74 42.42
C LYS B 126 16.09 20.28 42.21
N SER B 127 16.13 19.83 40.95
CA SER B 127 16.55 18.46 40.65
C SER B 127 18.06 18.32 40.55
N GLY B 128 18.81 19.41 40.56
CA GLY B 128 20.25 19.33 40.44
C GLY B 128 20.75 19.43 39.02
N THR B 129 19.85 19.64 38.05
CA THR B 129 20.19 19.75 36.65
C THR B 129 19.57 21.01 36.07
N ALA B 130 20.29 21.62 35.14
CA ALA B 130 19.84 22.80 34.43
C ALA B 130 19.88 22.46 32.95
N SER B 131 18.73 22.55 32.29
CA SER B 131 18.66 22.40 30.84
C SER B 131 18.42 23.76 30.20
N VAL B 132 19.27 24.13 29.26
CA VAL B 132 19.12 25.36 28.49
C VAL B 132 18.80 24.94 27.07
N VAL B 133 17.71 25.50 26.52
CA VAL B 133 17.20 25.09 25.21
C VAL B 133 17.31 26.26 24.27
N CYS B 134 17.77 25.97 23.06
CA CYS B 134 17.79 26.89 21.94
C CYS B 134 16.92 26.32 20.82
N LEU B 135 16.05 27.17 20.28
CA LEU B 135 15.10 26.80 19.25
C LEU B 135 15.50 27.51 17.97
N LEU B 136 15.65 26.76 16.89
CA LEU B 136 15.80 27.31 15.55
C LEU B 136 14.57 26.91 14.76
N ASN B 137 13.81 27.90 14.34
CA ASN B 137 12.45 27.66 13.85
C ASN B 137 12.36 27.93 12.35
N ASN B 138 11.87 26.93 11.61
CA ASN B 138 11.41 27.10 10.24
C ASN B 138 12.52 27.58 9.29
N PHE B 139 13.53 26.72 9.12
CA PHE B 139 14.62 27.14 8.26
C PHE B 139 14.78 26.13 7.13
N TYR B 140 15.54 26.55 6.11
CA TYR B 140 15.92 25.71 4.99
C TYR B 140 17.21 26.30 4.42
N PRO B 141 18.21 25.47 4.11
CA PRO B 141 18.34 24.01 4.13
C PRO B 141 18.63 23.51 5.56
N ARG B 142 18.83 22.20 5.68
CA ARG B 142 18.90 21.52 6.98
C ARG B 142 20.13 21.96 7.81
N GLU B 143 21.26 22.34 7.23
CA GLU B 143 22.36 22.70 8.11
C GLU B 143 22.17 23.93 8.91
N ALA B 144 22.36 23.80 10.15
CA ALA B 144 22.32 25.00 10.91
C ALA B 144 23.25 24.39 11.92
N LYS B 145 24.16 25.20 12.38
CA LYS B 145 25.12 24.88 13.39
C LYS B 145 24.80 25.68 14.63
N VAL B 146 24.78 25.04 15.77
CA VAL B 146 24.45 25.71 17.02
C VAL B 146 25.63 25.54 17.93
N GLN B 147 26.21 26.66 18.31
CA GLN B 147 27.36 26.68 19.20
C GLN B 147 26.84 27.32 20.49
N TRP B 148 27.12 26.68 21.61
CA TRP B 148 26.81 27.20 22.93
C TRP B 148 28.00 27.94 23.51
N LYS B 149 27.72 29.06 24.17
CA LYS B 149 28.79 29.80 24.84
C LYS B 149 28.30 30.19 26.22
N VAL B 150 29.11 29.89 27.24
CA VAL B 150 28.80 30.23 28.61
C VAL B 150 29.94 31.14 29.10
N ASP B 151 29.62 32.40 29.40
CA ASP B 151 30.66 33.42 29.67
C ASP B 151 31.77 33.40 28.60
N ASN B 152 31.37 33.20 27.34
CA ASN B 152 32.17 33.21 26.11
C ASN B 152 33.14 32.04 25.97
N ALA B 153 33.03 31.02 26.81
CA ALA B 153 33.78 29.80 26.58
C ALA B 153 32.93 28.86 25.73
N LEU B 154 33.48 28.39 24.62
CA LEU B 154 32.72 27.50 23.75
C LEU B 154 32.54 26.18 24.50
N GLN B 155 31.34 25.64 24.43
CA GLN B 155 31.02 24.38 25.04
C GLN B 155 31.16 23.27 24.02
N SER B 156 31.51 22.08 24.50
CA SER B 156 31.47 20.90 23.64
C SER B 156 31.16 19.71 24.53
N GLY B 157 30.38 18.77 24.00
CA GLY B 157 30.11 17.53 24.68
C GLY B 157 28.99 17.57 25.67
N ASN B 158 28.40 18.73 25.94
CA ASN B 158 27.36 18.81 26.96
C ASN B 158 26.05 19.32 26.38
N SER B 159 25.84 19.11 25.07
CA SER B 159 24.58 19.46 24.41
C SER B 159 24.17 18.38 23.41
N GLN B 160 22.86 18.30 23.16
CA GLN B 160 22.29 17.42 22.14
C GLN B 160 21.29 18.15 21.28
N GLU B 161 21.24 17.80 19.99
CA GLU B 161 20.34 18.41 19.03
C GLU B 161 19.25 17.43 18.59
N SER B 162 18.14 18.01 18.14
CA SER B 162 17.07 17.22 17.54
C SER B 162 16.48 18.08 16.43
N VAL B 163 16.15 17.46 15.29
CA VAL B 163 15.62 18.17 14.13
C VAL B 163 14.32 17.53 13.70
N THR B 164 13.32 18.35 13.42
CA THR B 164 12.08 17.81 12.89
C THR B 164 12.27 17.36 11.46
N GLU B 165 11.39 16.46 11.03
CA GLU B 165 11.29 16.18 9.59
C GLU B 165 10.74 17.40 8.85
N GLN B 166 10.98 17.43 7.55
CA GLN B 166 10.56 18.55 6.72
C GLN B 166 9.04 18.76 6.80
N ASP B 167 8.66 20.02 6.98
CA ASP B 167 7.27 20.40 7.14
C ASP B 167 6.46 20.16 5.87
N SER B 168 5.24 19.62 6.04
CA SER B 168 4.42 19.18 4.91
C SER B 168 3.76 20.36 4.18
N LYS B 169 3.82 21.57 4.74
CA LYS B 169 3.25 22.73 4.07
C LYS B 169 4.32 23.69 3.57
N ASP B 170 5.29 24.09 4.40
CA ASP B 170 6.32 25.03 3.96
C ASP B 170 7.68 24.40 3.71
N SER B 171 7.82 23.08 3.90
CA SER B 171 9.04 22.35 3.57
C SER B 171 10.28 22.84 4.37
N THR B 172 10.07 23.42 5.54
CA THR B 172 11.17 23.88 6.39
C THR B 172 11.46 22.82 7.45
N TYR B 173 12.55 23.05 8.18
CA TYR B 173 12.95 22.24 9.31
C TYR B 173 12.95 23.16 10.51
N SER B 174 12.83 22.54 11.68
CA SER B 174 13.13 23.21 12.94
C SER B 174 14.06 22.34 13.77
N LEU B 175 14.79 22.98 14.69
CA LEU B 175 15.83 22.30 15.43
C LEU B 175 15.86 22.82 16.85
N SER B 176 16.00 21.90 17.78
CA SER B 176 16.21 22.26 19.18
C SER B 176 17.58 21.75 19.56
N SER B 177 18.30 22.55 20.31
CA SER B 177 19.54 22.18 20.98
C SER B 177 19.42 22.41 22.47
N THR B 178 19.80 21.42 23.27
CA THR B 178 19.63 21.47 24.72
C THR B 178 21.00 21.35 25.37
N LEU B 179 21.39 22.38 26.12
CA LEU B 179 22.66 22.38 26.84
C LEU B 179 22.34 21.95 28.26
N THR B 180 22.99 20.89 28.73
CA THR B 180 22.72 20.35 30.06
C THR B 180 23.92 20.52 30.98
N LEU B 181 23.67 21.10 32.14
CA LEU B 181 24.71 21.35 33.12
C LEU B 181 24.16 20.94 34.47
N SER B 182 25.07 20.56 35.37
CA SER B 182 24.60 20.45 36.73
C SER B 182 24.23 21.84 37.21
N LYS B 183 23.27 21.90 38.12
CA LYS B 183 22.93 23.18 38.73
C LYS B 183 24.15 23.84 39.34
N ALA B 184 25.04 23.07 39.99
CA ALA B 184 26.23 23.67 40.60
C ALA B 184 27.10 24.40 39.57
N ASP B 185 27.41 23.77 38.44
CA ASP B 185 28.16 24.49 37.40
C ASP B 185 27.34 25.63 36.79
N TYR B 186 26.02 25.44 36.66
CA TYR B 186 25.19 26.49 36.05
C TYR B 186 25.24 27.79 36.84
N GLU B 187 25.22 27.73 38.16
CA GLU B 187 25.24 28.97 38.94
C GLU B 187 26.63 29.60 39.06
N LYS B 188 27.70 28.86 38.66
CA LYS B 188 29.05 29.41 38.73
C LYS B 188 29.35 30.34 37.57
N HIS B 189 28.45 30.39 36.58
CA HIS B 189 28.71 31.16 35.38
C HIS B 189 27.48 32.03 35.14
N LYS B 190 27.65 33.02 34.30
CA LYS B 190 26.64 34.06 34.14
C LYS B 190 25.96 34.12 32.78
N VAL B 191 26.69 34.26 31.68
CA VAL B 191 26.10 34.60 30.39
C VAL B 191 25.92 33.31 29.61
N TYR B 192 24.70 33.07 29.17
CA TYR B 192 24.37 31.86 28.42
C TYR B 192 23.92 32.27 27.03
N ALA B 193 24.57 31.70 26.00
CA ALA B 193 24.34 32.18 24.65
C ALA B 193 24.29 30.99 23.69
N CYS B 194 23.39 31.09 22.71
CA CYS B 194 23.27 30.14 21.62
C CYS B 194 23.64 30.90 20.35
N GLU B 195 24.64 30.41 19.61
CA GLU B 195 25.12 31.02 18.39
C GLU B 195 24.85 30.12 17.19
N VAL B 196 24.17 30.67 16.17
CA VAL B 196 23.60 29.91 15.05
C VAL B 196 24.28 30.34 13.77
N THR B 197 24.81 29.38 13.03
CA THR B 197 25.41 29.66 11.72
C THR B 197 24.59 28.92 10.69
N HIS B 198 24.17 29.61 9.62
CA HIS B 198 23.28 29.01 8.62
C HIS B 198 23.31 29.79 7.30
N GLN B 199 23.09 29.08 6.18
CA GLN B 199 23.15 29.70 4.87
C GLN B 199 22.19 30.90 4.77
N GLY B 200 21.07 30.88 5.51
CA GLY B 200 20.19 32.05 5.45
C GLY B 200 20.53 33.28 6.29
N LEU B 201 21.61 33.21 7.06
CA LEU B 201 22.08 34.29 7.93
C LEU B 201 23.37 34.79 7.30
N SER B 202 23.43 36.09 7.01
CA SER B 202 24.66 36.58 6.38
C SER B 202 25.87 36.48 7.32
N SER B 203 25.67 36.57 8.62
CA SER B 203 26.68 36.28 9.63
C SER B 203 25.94 35.61 10.79
N PRO B 204 26.66 34.93 11.68
CA PRO B 204 25.94 34.19 12.73
C PRO B 204 25.11 35.08 13.66
N VAL B 205 23.99 34.49 14.11
CA VAL B 205 23.04 35.11 15.05
C VAL B 205 23.16 34.54 16.45
N THR B 206 23.25 35.40 17.44
CA THR B 206 23.35 35.00 18.85
C THR B 206 22.15 35.46 19.66
N LYS B 207 21.51 34.52 20.35
CA LYS B 207 20.51 34.84 21.35
C LYS B 207 21.09 34.48 22.71
N SER B 208 20.87 35.33 23.70
CA SER B 208 21.49 35.05 25.00
C SER B 208 20.58 35.52 26.12
N PHE B 209 20.85 35.04 27.32
CA PHE B 209 20.23 35.58 28.52
C PHE B 209 21.23 35.66 29.64
N ASN B 210 20.89 36.51 30.62
CA ASN B 210 21.65 36.57 31.86
C ASN B 210 20.98 35.82 33.00
N ARG B 211 21.71 34.83 33.55
CA ARG B 211 21.23 34.06 34.69
C ARG B 211 20.88 34.97 35.85
N GLY B 212 19.64 34.84 36.29
CA GLY B 212 19.13 35.58 37.43
C GLY B 212 18.72 37.01 37.11
N GLU B 213 18.26 37.27 35.89
CA GLU B 213 17.69 38.57 35.49
C GLU B 213 16.36 38.37 34.78
N VAL C 1 21.68 -33.64 -30.41
CA VAL C 1 20.95 -32.69 -29.59
C VAL C 1 20.88 -31.35 -30.33
N GLN C 2 19.65 -30.94 -30.62
CA GLN C 2 19.41 -29.62 -31.19
C GLN C 2 19.54 -28.57 -30.11
N SER C 3 20.51 -27.69 -30.31
CA SER C 3 20.93 -26.68 -29.35
C SER C 3 20.79 -25.24 -29.81
N SER C 4 20.29 -24.99 -31.02
CA SER C 4 20.17 -23.60 -31.45
C SER C 4 18.75 -23.33 -31.89
N SER C 5 18.37 -22.06 -31.84
CA SER C 5 17.11 -21.59 -32.38
C SER C 5 17.37 -20.31 -33.16
N THR C 6 16.52 -20.06 -34.16
CA THR C 6 16.58 -18.76 -34.81
C THR C 6 16.24 -17.61 -33.87
N GLY C 7 15.41 -17.90 -32.88
CA GLY C 7 14.92 -16.96 -31.91
C GLY C 7 13.61 -16.37 -32.37
N LYS C 8 13.11 -16.86 -33.50
CA LYS C 8 11.87 -16.44 -34.13
C LYS C 8 10.96 -17.62 -34.39
N ILE C 9 9.68 -17.40 -34.19
CA ILE C 9 8.66 -18.39 -34.52
C ILE C 9 8.28 -18.30 -35.99
N CYS C 10 8.44 -19.41 -36.72
CA CYS C 10 8.05 -19.47 -38.13
C CYS C 10 6.53 -19.59 -38.24
N ASN C 11 5.95 -18.80 -39.14
CA ASN C 11 4.49 -18.73 -39.29
C ASN C 11 3.95 -19.86 -40.16
N ASN C 12 4.80 -20.76 -40.60
CA ASN C 12 4.35 -21.94 -41.30
C ASN C 12 5.08 -23.14 -40.73
N PRO C 13 4.43 -24.32 -40.78
CA PRO C 13 3.15 -24.57 -41.42
C PRO C 13 1.93 -24.33 -40.53
N HIS C 14 2.14 -24.04 -39.25
CA HIS C 14 1.06 -23.90 -38.30
C HIS C 14 0.42 -22.52 -38.37
N ARG C 15 -0.89 -22.49 -38.15
CA ARG C 15 -1.62 -21.22 -38.11
C ARG C 15 -1.39 -20.58 -36.76
N ILE C 16 -0.65 -19.48 -36.76
CA ILE C 16 -0.27 -18.78 -35.55
C ILE C 16 -1.20 -17.60 -35.38
N LEU C 17 -1.65 -17.34 -34.24
CA LEU C 17 -2.45 -16.17 -33.94
C LEU C 17 -1.68 -15.46 -32.83
N ASP C 18 -1.11 -14.39 -33.11
CA ASP C 18 -0.32 -13.60 -32.18
C ASP C 18 -1.26 -12.76 -31.34
N GLY C 19 -1.26 -12.96 -30.04
CA GLY C 19 -2.12 -12.22 -29.16
C GLY C 19 -1.77 -10.78 -28.97
N ILE C 20 -0.55 -10.42 -29.26
CA ILE C 20 -0.04 -9.07 -29.09
C ILE C 20 -0.47 -8.62 -27.70
N ASP C 21 -1.02 -7.43 -27.56
CA ASP C 21 -1.50 -6.97 -26.27
C ASP C 21 -2.57 -7.76 -25.53
N CYS C 22 -3.02 -8.89 -26.06
CA CYS C 22 -4.13 -9.60 -25.45
C CYS C 22 -3.83 -11.01 -25.02
N THR C 23 -4.33 -11.36 -23.84
CA THR C 23 -4.40 -12.76 -23.48
C THR C 23 -5.61 -13.42 -24.15
N LEU C 24 -5.60 -14.74 -24.19
CA LEU C 24 -6.72 -15.47 -24.76
C LEU C 24 -8.00 -15.25 -23.96
N ILE C 25 -7.92 -15.17 -22.62
CA ILE C 25 -9.12 -14.96 -21.83
C ILE C 25 -9.71 -13.57 -22.07
N ASP C 26 -8.87 -12.54 -22.18
CA ASP C 26 -9.38 -11.21 -22.51
C ASP C 26 -10.00 -11.18 -23.91
N ALA C 27 -9.45 -11.93 -24.86
CA ALA C 27 -10.03 -12.02 -26.20
C ALA C 27 -11.40 -12.73 -26.13
N LEU C 28 -11.46 -13.79 -25.33
CA LEU C 28 -12.69 -14.54 -25.13
C LEU C 28 -13.77 -13.62 -24.59
N LEU C 29 -13.47 -12.91 -23.52
CA LEU C 29 -14.48 -12.11 -22.87
C LEU C 29 -14.88 -10.90 -23.71
N GLY C 30 -13.97 -10.36 -24.50
CA GLY C 30 -14.27 -9.23 -25.36
C GLY C 30 -13.87 -7.94 -24.68
N ASP C 31 -12.77 -7.95 -23.95
CA ASP C 31 -12.09 -6.70 -23.58
C ASP C 31 -11.99 -5.83 -24.84
N PRO C 32 -12.42 -4.57 -24.80
CA PRO C 32 -12.51 -3.77 -26.06
C PRO C 32 -11.23 -3.76 -26.88
N HIS C 33 -10.04 -3.61 -26.28
CA HIS C 33 -8.84 -3.56 -27.11
C HIS C 33 -8.50 -4.92 -27.68
N CYS C 34 -9.21 -5.98 -27.28
CA CYS C 34 -9.07 -7.35 -27.79
C CYS C 34 -10.17 -7.76 -28.76
N ASP C 35 -11.09 -6.85 -29.07
CA ASP C 35 -12.21 -7.22 -29.91
C ASP C 35 -11.80 -7.51 -31.36
N VAL C 36 -10.60 -7.06 -31.77
CA VAL C 36 -10.06 -7.40 -33.08
C VAL C 36 -9.94 -8.92 -33.28
N PHE C 37 -9.96 -9.69 -32.19
CA PHE C 37 -9.78 -11.14 -32.26
C PHE C 37 -11.11 -11.91 -32.38
N GLN C 38 -12.24 -11.22 -32.48
CA GLN C 38 -13.54 -11.90 -32.57
C GLN C 38 -13.58 -12.92 -33.70
N ASN C 39 -14.03 -14.13 -33.34
CA ASN C 39 -14.23 -15.27 -34.25
C ASN C 39 -12.95 -15.78 -34.90
N GLU C 40 -11.79 -15.43 -34.37
CA GLU C 40 -10.53 -15.84 -34.99
C GLU C 40 -10.25 -17.31 -34.63
N THR C 41 -9.37 -17.95 -35.38
CA THR C 41 -8.99 -19.34 -35.13
C THR C 41 -7.47 -19.48 -35.16
N TRP C 42 -6.99 -20.60 -34.63
CA TRP C 42 -5.56 -20.83 -34.57
C TRP C 42 -5.24 -22.31 -34.41
N ASP C 43 -4.06 -22.68 -34.85
CA ASP C 43 -3.43 -23.90 -34.38
C ASP C 43 -2.63 -23.60 -33.11
N LEU C 44 -1.87 -22.51 -33.10
CA LEU C 44 -1.13 -22.05 -31.91
C LEU C 44 -1.40 -20.58 -31.62
N PHE C 45 -1.97 -20.30 -30.44
CA PHE C 45 -2.16 -18.94 -29.94
C PHE C 45 -0.91 -18.55 -29.15
N VAL C 46 -0.31 -17.41 -29.44
CA VAL C 46 0.92 -16.96 -28.77
C VAL C 46 0.60 -15.78 -27.86
N GLU C 47 0.68 -15.98 -26.53
CA GLU C 47 0.48 -14.93 -25.54
C GLU C 47 1.80 -14.24 -25.17
N ARG C 48 1.79 -12.90 -25.16
CA ARG C 48 2.95 -12.07 -24.89
C ARG C 48 2.96 -11.58 -23.45
N SER C 49 4.18 -11.44 -22.90
CA SER C 49 4.27 -10.93 -21.53
C SER C 49 3.79 -9.49 -21.44
N LYS C 50 3.77 -8.76 -22.53
CA LYS C 50 3.31 -7.37 -22.46
C LYS C 50 1.77 -7.28 -22.51
N ALA C 51 1.06 -8.40 -22.59
CA ALA C 51 -0.39 -8.36 -22.67
C ALA C 51 -0.95 -7.69 -21.43
N PHE C 52 -2.08 -6.99 -21.58
CA PHE C 52 -2.72 -6.34 -20.43
C PHE C 52 -4.24 -6.32 -20.59
N SER C 53 -4.94 -6.27 -19.46
CA SER C 53 -6.38 -6.09 -19.40
C SER C 53 -6.71 -4.60 -19.28
N ASN C 54 -7.85 -4.19 -19.85
CA ASN C 54 -8.26 -2.78 -19.77
C ASN C 54 -9.76 -2.67 -19.70
N CYS C 55 -10.41 -3.51 -18.91
CA CYS C 55 -11.89 -3.52 -18.82
C CYS C 55 -12.30 -3.66 -17.36
N TYR C 56 -13.51 -4.18 -17.12
CA TYR C 56 -14.00 -4.24 -15.73
C TYR C 56 -13.09 -5.20 -14.98
N PRO C 57 -12.70 -4.85 -13.75
CA PRO C 57 -11.75 -5.71 -13.01
C PRO C 57 -12.41 -7.03 -12.63
N TYR C 58 -11.69 -8.12 -12.87
CA TYR C 58 -12.29 -9.45 -12.78
C TYR C 58 -11.29 -10.46 -12.28
N ASP C 59 -11.79 -11.60 -11.83
CA ASP C 59 -10.95 -12.77 -11.66
C ASP C 59 -11.69 -13.97 -12.25
N VAL C 60 -10.99 -15.04 -12.49
CA VAL C 60 -11.56 -16.23 -13.03
C VAL C 60 -11.14 -17.34 -12.13
N PRO C 61 -12.03 -17.81 -11.26
CA PRO C 61 -11.69 -18.89 -10.34
C PRO C 61 -10.98 -20.11 -10.92
N ASP C 62 -11.38 -20.57 -12.07
CA ASP C 62 -10.73 -21.68 -12.67
C ASP C 62 -10.01 -21.19 -13.92
N TYR C 63 -9.18 -20.18 -13.78
CA TYR C 63 -8.51 -19.57 -14.92
C TYR C 63 -7.78 -20.51 -15.82
N ALA C 64 -6.91 -21.30 -15.25
CA ALA C 64 -6.05 -22.16 -16.05
C ALA C 64 -6.86 -23.18 -16.86
N SER C 65 -7.96 -23.68 -16.29
CA SER C 65 -8.78 -24.66 -16.97
C SER C 65 -9.56 -24.04 -18.11
N LEU C 66 -10.10 -22.84 -17.90
CA LEU C 66 -10.82 -22.17 -18.98
C LEU C 66 -9.86 -21.86 -20.12
N ARG C 67 -8.70 -21.32 -19.80
CA ARG C 67 -7.73 -20.99 -20.81
C ARG C 67 -7.30 -22.20 -21.61
N SER C 68 -7.08 -23.32 -20.94
CA SER C 68 -6.66 -24.52 -21.60
C SER C 68 -7.77 -25.12 -22.46
N LEU C 69 -8.97 -25.06 -21.97
CA LEU C 69 -10.11 -25.53 -22.68
C LEU C 69 -10.32 -24.75 -23.99
N VAL C 70 -10.28 -23.44 -23.92
CA VAL C 70 -10.45 -22.62 -25.11
C VAL C 70 -9.27 -22.80 -26.05
N ALA C 71 -8.05 -22.85 -25.51
CA ALA C 71 -6.87 -22.96 -26.37
C ALA C 71 -6.92 -24.23 -27.18
N SER C 72 -7.38 -25.34 -26.58
CA SER C 72 -7.43 -26.64 -27.26
C SER C 72 -8.52 -26.64 -28.33
N SER C 73 -9.63 -25.96 -28.06
CA SER C 73 -10.72 -25.81 -29.02
C SER C 73 -10.26 -25.08 -30.29
N GLY C 74 -9.40 -24.07 -30.14
CA GLY C 74 -8.75 -23.47 -31.30
C GLY C 74 -9.56 -22.45 -32.06
N THR C 75 -10.63 -21.94 -31.46
CA THR C 75 -11.46 -20.94 -32.12
C THR C 75 -12.15 -20.07 -31.09
N LEU C 76 -12.41 -18.82 -31.48
CA LEU C 76 -13.26 -17.93 -30.71
C LEU C 76 -14.59 -17.74 -31.43
N GLU C 77 -14.95 -18.66 -32.32
CA GLU C 77 -16.23 -18.52 -33.02
C GLU C 77 -17.36 -18.36 -32.00
N PHE C 78 -18.11 -17.30 -32.13
CA PHE C 78 -19.13 -16.93 -31.19
C PHE C 78 -20.44 -16.70 -31.93
N ILE C 79 -21.56 -17.15 -31.35
CA ILE C 79 -22.87 -17.04 -31.96
C ILE C 79 -23.76 -16.34 -30.94
N THR C 80 -24.26 -15.17 -31.30
CA THR C 80 -25.15 -14.47 -30.38
C THR C 80 -26.46 -15.23 -30.35
N GLU C 81 -27.04 -15.37 -29.16
CA GLU C 81 -28.37 -15.97 -29.01
C GLU C 81 -29.36 -15.00 -28.39
N GLY C 82 -30.63 -15.19 -28.69
CA GLY C 82 -31.67 -14.28 -28.25
C GLY C 82 -32.21 -14.58 -26.87
N PHE C 83 -31.36 -14.42 -25.86
CA PHE C 83 -31.84 -14.50 -24.49
C PHE C 83 -32.84 -13.39 -24.30
N THR C 84 -33.90 -13.66 -23.54
CA THR C 84 -34.85 -12.61 -23.19
C THR C 84 -34.71 -12.32 -21.70
N TRP C 85 -34.46 -11.05 -21.39
CA TRP C 85 -34.21 -10.62 -20.02
C TRP C 85 -35.27 -9.59 -19.63
N THR C 86 -36.40 -10.08 -19.16
CA THR C 86 -37.56 -9.25 -18.83
C THR C 86 -37.40 -8.59 -17.46
N GLY C 87 -37.59 -7.28 -17.43
CA GLY C 87 -37.68 -6.48 -16.23
C GLY C 87 -36.34 -6.02 -15.71
N VAL C 88 -35.29 -6.10 -16.54
CA VAL C 88 -33.98 -5.56 -16.18
C VAL C 88 -33.47 -4.66 -17.30
N THR C 89 -32.53 -3.78 -16.98
CA THR C 89 -31.86 -2.94 -17.98
C THR C 89 -30.67 -3.69 -18.54
N GLN C 90 -30.50 -3.71 -19.85
CA GLN C 90 -29.38 -4.45 -20.41
C GLN C 90 -28.24 -3.50 -20.83
N ASN C 91 -27.09 -4.10 -21.16
CA ASN C 91 -25.94 -3.43 -21.80
C ASN C 91 -25.35 -2.36 -20.93
N GLY C 92 -25.29 -2.64 -19.64
CA GLY C 92 -24.68 -1.71 -18.71
C GLY C 92 -23.21 -1.48 -19.04
N GLY C 93 -22.68 -0.32 -18.70
CA GLY C 93 -21.29 -0.10 -19.01
C GLY C 93 -20.61 0.64 -17.89
N SER C 94 -19.32 0.85 -18.07
CA SER C 94 -18.48 1.33 -16.98
C SER C 94 -17.32 2.13 -17.53
N ASN C 95 -16.92 3.15 -16.75
CA ASN C 95 -15.74 3.90 -17.18
C ASN C 95 -14.42 3.17 -16.91
N ALA C 96 -14.46 2.02 -16.27
CA ALA C 96 -13.28 1.16 -16.15
C ALA C 96 -13.04 0.39 -17.45
N CYS C 97 -14.04 0.40 -18.38
CA CYS C 97 -13.99 -0.38 -19.63
C CYS C 97 -14.48 0.51 -20.78
N LYS C 98 -13.72 1.56 -21.08
CA LYS C 98 -14.14 2.52 -22.10
C LYS C 98 -14.15 1.93 -23.51
N ARG C 99 -15.15 2.32 -24.28
CA ARG C 99 -15.23 1.90 -25.68
C ARG C 99 -15.36 3.19 -26.46
N GLY C 100 -14.30 3.59 -27.11
CA GLY C 100 -14.29 4.93 -27.64
C GLY C 100 -14.30 5.88 -26.46
N PRO C 101 -14.98 6.97 -26.62
CA PRO C 101 -14.98 8.02 -25.60
C PRO C 101 -15.84 7.69 -24.37
N GLY C 102 -16.89 6.85 -24.55
CA GLY C 102 -17.84 6.54 -23.50
C GLY C 102 -17.57 5.25 -22.70
N SER C 103 -18.36 5.07 -21.62
CA SER C 103 -18.36 3.83 -20.82
C SER C 103 -18.69 2.59 -21.66
N GLY C 104 -18.20 1.43 -21.24
CA GLY C 104 -18.47 0.21 -21.97
C GLY C 104 -18.30 -1.01 -21.09
N PHE C 105 -18.20 -2.16 -21.74
CA PHE C 105 -18.15 -3.42 -21.01
C PHE C 105 -17.57 -4.49 -21.94
N PHE C 106 -17.27 -5.66 -21.39
CA PHE C 106 -16.88 -6.80 -22.23
C PHE C 106 -17.90 -7.04 -23.35
N SER C 107 -17.41 -7.32 -24.56
CA SER C 107 -18.35 -7.44 -25.69
C SER C 107 -19.20 -8.71 -25.60
N ARG C 108 -18.72 -9.75 -24.92
CA ARG C 108 -19.43 -11.01 -24.91
C ARG C 108 -20.30 -11.18 -23.67
N LEU C 109 -20.34 -10.18 -22.78
CA LEU C 109 -21.09 -10.27 -21.52
C LEU C 109 -22.10 -9.12 -21.44
N ASN C 110 -23.13 -9.28 -20.61
CA ASN C 110 -24.30 -8.39 -20.60
C ASN C 110 -24.59 -8.03 -19.15
N TRP C 111 -24.23 -6.81 -18.80
CA TRP C 111 -24.35 -6.36 -17.42
C TRP C 111 -25.81 -5.94 -17.22
N LEU C 112 -26.59 -6.76 -16.49
CA LEU C 112 -28.01 -6.53 -16.24
C LEU C 112 -28.15 -5.78 -14.94
N THR C 113 -29.01 -4.75 -14.91
CA THR C 113 -29.29 -4.09 -13.64
C THR C 113 -30.80 -3.93 -13.50
N LYS C 114 -31.23 -3.36 -12.38
CA LYS C 114 -32.65 -3.23 -12.10
C LYS C 114 -33.32 -2.36 -13.16
N SER C 115 -34.60 -2.55 -13.33
CA SER C 115 -35.36 -1.63 -14.16
C SER C 115 -36.48 -0.99 -13.34
N GLY C 116 -36.51 0.34 -13.34
CA GLY C 116 -37.38 1.02 -12.41
C GLY C 116 -36.93 0.73 -11.00
N SER C 117 -37.79 0.14 -10.20
CA SER C 117 -37.51 -0.13 -8.80
C SER C 117 -37.45 -1.62 -8.49
N THR C 118 -37.31 -2.46 -9.51
CA THR C 118 -37.36 -3.89 -9.25
C THR C 118 -36.31 -4.62 -10.08
N TYR C 119 -35.94 -5.78 -9.57
CA TYR C 119 -35.09 -6.72 -10.27
C TYR C 119 -35.77 -8.05 -10.03
N PRO C 120 -36.47 -8.61 -11.04
CA PRO C 120 -37.22 -9.85 -10.77
C PRO C 120 -36.30 -11.07 -10.69
N VAL C 121 -36.88 -12.20 -10.31
CA VAL C 121 -36.12 -13.44 -10.39
C VAL C 121 -36.08 -13.79 -11.87
N LEU C 122 -34.90 -13.70 -12.48
CA LEU C 122 -34.69 -14.14 -13.84
C LEU C 122 -34.64 -15.65 -13.93
N ASN C 123 -35.35 -16.18 -14.95
CA ASN C 123 -35.34 -17.64 -15.12
C ASN C 123 -35.44 -17.90 -16.60
N VAL C 124 -34.38 -18.12 -17.29
CA VAL C 124 -34.38 -18.18 -18.74
C VAL C 124 -33.71 -19.47 -19.15
N THR C 125 -34.07 -19.96 -20.32
CA THR C 125 -33.54 -21.22 -20.81
C THR C 125 -33.05 -21.08 -22.23
N MET C 126 -32.07 -21.91 -22.59
CA MET C 126 -31.52 -21.93 -23.94
C MET C 126 -31.14 -23.37 -24.30
N PRO C 127 -31.94 -24.02 -25.14
CA PRO C 127 -31.63 -25.41 -25.51
C PRO C 127 -30.50 -25.46 -26.52
N ASN C 128 -29.73 -26.53 -26.44
CA ASN C 128 -28.72 -26.87 -27.45
C ASN C 128 -29.37 -27.86 -28.42
N ASN C 129 -29.78 -27.35 -29.59
CA ASN C 129 -30.39 -28.20 -30.60
C ASN C 129 -29.43 -28.47 -31.75
N ASP C 130 -28.16 -28.20 -31.53
CA ASP C 130 -27.05 -28.45 -32.45
C ASP C 130 -26.38 -29.78 -32.12
N ASN C 131 -25.40 -30.17 -32.94
CA ASN C 131 -24.66 -31.41 -32.73
C ASN C 131 -23.23 -31.15 -32.29
N PHE C 132 -22.95 -29.99 -31.69
CA PHE C 132 -21.65 -29.73 -31.08
C PHE C 132 -21.86 -29.21 -29.67
N ASP C 133 -20.79 -29.23 -28.89
CA ASP C 133 -20.85 -28.67 -27.55
C ASP C 133 -20.79 -27.15 -27.61
N LYS C 134 -21.58 -26.50 -26.78
CA LYS C 134 -21.61 -25.05 -26.67
C LYS C 134 -20.91 -24.64 -25.38
N LEU C 135 -20.04 -23.62 -25.47
CA LEU C 135 -19.41 -23.03 -24.29
C LEU C 135 -20.06 -21.70 -23.96
N TYR C 136 -20.66 -21.62 -22.80
CA TYR C 136 -21.23 -20.39 -22.25
C TYR C 136 -20.29 -19.79 -21.22
N ILE C 137 -19.96 -18.50 -21.39
CA ILE C 137 -19.19 -17.73 -20.43
C ILE C 137 -20.13 -16.76 -19.73
N TRP C 138 -20.10 -16.72 -18.40
CA TRP C 138 -20.99 -15.85 -17.63
C TRP C 138 -20.22 -15.38 -16.39
N GLY C 139 -20.85 -14.52 -15.60
CA GLY C 139 -20.15 -13.92 -14.48
C GLY C 139 -21.10 -13.53 -13.37
N VAL C 140 -20.50 -13.07 -12.28
CA VAL C 140 -21.20 -12.63 -11.07
C VAL C 140 -20.53 -11.31 -10.65
N HIS C 141 -21.35 -10.29 -10.41
CA HIS C 141 -20.87 -8.99 -10.01
C HIS C 141 -20.75 -8.96 -8.48
N HIS C 142 -19.60 -8.49 -7.98
CA HIS C 142 -19.44 -8.28 -6.54
C HIS C 142 -19.38 -6.79 -6.23
N PRO C 143 -20.45 -6.22 -5.71
CA PRO C 143 -20.44 -4.79 -5.39
C PRO C 143 -19.50 -4.49 -4.21
N SER C 144 -19.04 -3.26 -4.18
CA SER C 144 -18.12 -2.92 -3.12
C SER C 144 -18.85 -2.56 -1.83
N THR C 145 -20.11 -2.14 -1.89
CA THR C 145 -20.87 -1.77 -0.69
C THR C 145 -22.30 -2.30 -0.74
N ASN C 146 -22.93 -2.35 0.43
CA ASN C 146 -24.33 -2.75 0.44
C ASN C 146 -25.20 -1.74 -0.30
N GLN C 147 -24.86 -0.45 -0.21
CA GLN C 147 -25.61 0.57 -0.95
C GLN C 147 -25.53 0.32 -2.45
N GLU C 148 -24.34 -0.04 -2.94
CA GLU C 148 -24.17 -0.34 -4.35
C GLU C 148 -25.02 -1.56 -4.73
N GLN C 149 -24.98 -2.62 -3.90
CA GLN C 149 -25.77 -3.83 -4.17
C GLN C 149 -27.25 -3.51 -4.36
N THR C 150 -27.83 -2.69 -3.47
CA THR C 150 -29.26 -2.47 -3.55
C THR C 150 -29.60 -1.47 -4.63
N SER C 151 -28.70 -0.52 -4.90
CA SER C 151 -28.93 0.44 -5.96
C SER C 151 -28.99 -0.25 -7.32
N LEU C 152 -28.12 -1.25 -7.53
CA LEU C 152 -28.04 -1.94 -8.81
C LEU C 152 -29.10 -3.01 -8.95
N TYR C 153 -29.33 -3.80 -7.89
CA TYR C 153 -30.02 -5.08 -7.96
C TYR C 153 -31.22 -5.18 -7.03
N VAL C 154 -31.51 -4.15 -6.26
CA VAL C 154 -32.62 -4.12 -5.33
C VAL C 154 -32.53 -5.11 -4.16
N GLN C 155 -32.44 -6.38 -4.43
CA GLN C 155 -32.26 -7.40 -3.39
C GLN C 155 -30.96 -7.14 -2.62
N ALA C 156 -31.00 -7.40 -1.32
CA ALA C 156 -29.85 -7.15 -0.45
C ALA C 156 -28.74 -8.16 -0.70
N SER C 157 -29.10 -9.33 -1.20
CA SER C 157 -28.11 -10.33 -1.57
C SER C 157 -28.57 -11.02 -2.84
N GLY C 158 -27.67 -11.13 -3.81
CA GLY C 158 -28.02 -11.75 -5.07
C GLY C 158 -27.61 -13.20 -5.08
N ARG C 159 -27.80 -13.82 -6.22
CA ARG C 159 -27.46 -15.22 -6.43
C ARG C 159 -27.50 -15.49 -7.92
N VAL C 160 -26.58 -16.30 -8.41
CA VAL C 160 -26.60 -16.74 -9.80
C VAL C 160 -26.51 -18.26 -9.77
N THR C 161 -27.46 -18.92 -10.41
CA THR C 161 -27.49 -20.38 -10.52
C THR C 161 -27.60 -20.68 -12.00
N VAL C 162 -26.63 -21.43 -12.53
CA VAL C 162 -26.62 -21.84 -13.93
C VAL C 162 -26.51 -23.35 -13.95
N SER C 163 -27.38 -23.99 -14.74
CA SER C 163 -27.41 -25.44 -14.74
C SER C 163 -27.74 -25.97 -16.12
N THR C 164 -27.37 -27.22 -16.33
CA THR C 164 -27.80 -28.04 -17.43
C THR C 164 -28.52 -29.23 -16.80
N ARG C 165 -28.75 -30.25 -17.58
CA ARG C 165 -29.32 -31.45 -17.04
C ARG C 165 -28.29 -32.23 -16.27
N ARG C 166 -27.04 -31.88 -16.40
CA ARG C 166 -26.07 -32.71 -15.72
C ARG C 166 -25.11 -31.92 -14.87
N SER C 167 -25.33 -30.63 -14.71
CA SER C 167 -24.51 -29.76 -13.88
C SER C 167 -25.31 -28.67 -13.20
N GLN C 168 -24.75 -28.13 -12.10
CA GLN C 168 -25.36 -26.95 -11.55
C GLN C 168 -24.27 -26.20 -10.79
N GLN C 169 -24.33 -24.87 -10.87
CA GLN C 169 -23.42 -23.98 -10.17
C GLN C 169 -24.22 -22.85 -9.55
N THR C 170 -24.09 -22.66 -8.24
CA THR C 170 -24.69 -21.50 -7.60
C THR C 170 -23.58 -20.69 -6.99
N ILE C 171 -23.59 -19.39 -7.29
CA ILE C 171 -22.60 -18.44 -6.82
C ILE C 171 -23.30 -17.35 -6.05
N ILE C 172 -22.80 -17.07 -4.85
CA ILE C 172 -23.26 -15.96 -4.01
C ILE C 172 -22.21 -14.86 -4.09
N PRO C 173 -22.57 -13.64 -4.47
CA PRO C 173 -21.57 -12.56 -4.56
C PRO C 173 -20.96 -12.21 -3.19
N ASN C 174 -19.76 -11.63 -3.21
CA ASN C 174 -19.15 -11.24 -1.92
C ASN C 174 -18.94 -9.73 -1.99
N ILE C 175 -19.70 -9.04 -1.18
CA ILE C 175 -19.73 -7.60 -1.12
C ILE C 175 -18.57 -7.10 -0.26
N GLY C 176 -17.91 -6.04 -0.72
CA GLY C 176 -16.91 -5.34 0.06
C GLY C 176 -15.95 -4.61 -0.85
N SER C 177 -15.19 -3.70 -0.25
CA SER C 177 -14.28 -2.91 -1.07
C SER C 177 -13.01 -3.67 -1.38
N ARG C 178 -12.60 -3.58 -2.61
CA ARG C 178 -11.27 -3.97 -2.91
C ARG C 178 -10.49 -2.74 -3.27
N PRO C 179 -9.18 -2.88 -3.42
CA PRO C 179 -8.37 -1.77 -3.90
C PRO C 179 -8.84 -1.40 -5.29
N TRP C 180 -8.85 -0.11 -5.55
CA TRP C 180 -9.17 0.43 -6.87
C TRP C 180 -8.35 -0.10 -8.03
N VAL C 181 -9.08 -0.58 -9.04
CA VAL C 181 -8.47 -0.99 -10.29
C VAL C 181 -9.35 -0.22 -11.27
N ARG C 182 -8.68 0.64 -12.06
CA ARG C 182 -9.34 1.58 -12.96
C ARG C 182 -10.51 2.25 -12.27
N GLY C 183 -10.25 2.74 -11.06
CA GLY C 183 -11.24 3.52 -10.32
C GLY C 183 -12.26 2.74 -9.52
N LEU C 184 -12.24 1.40 -9.54
CA LEU C 184 -13.36 0.66 -8.98
C LEU C 184 -12.95 -0.33 -7.88
N SER C 185 -13.71 -0.37 -6.80
CA SER C 185 -13.50 -1.35 -5.74
C SER C 185 -14.37 -2.58 -5.91
N SER C 186 -15.27 -2.59 -6.91
N SER C 186 -15.28 -2.59 -6.89
CA SER C 186 -16.09 -3.76 -7.24
CA SER C 186 -16.08 -3.77 -7.22
C SER C 186 -15.33 -4.69 -8.19
C SER C 186 -15.30 -4.70 -8.14
N ARG C 187 -15.83 -5.92 -8.31
CA ARG C 187 -15.22 -6.98 -9.09
C ARG C 187 -16.31 -7.86 -9.75
N ILE C 188 -15.91 -8.54 -10.82
CA ILE C 188 -16.65 -9.63 -11.45
C ILE C 188 -15.86 -10.93 -11.35
N SER C 189 -16.53 -12.03 -11.02
CA SER C 189 -15.91 -13.35 -11.09
C SER C 189 -16.50 -14.05 -12.31
N ILE C 190 -15.64 -14.69 -13.13
CA ILE C 190 -16.04 -15.30 -14.40
C ILE C 190 -16.16 -16.81 -14.25
N TYR C 191 -17.26 -17.37 -14.76
CA TYR C 191 -17.51 -18.82 -14.73
C TYR C 191 -17.85 -19.31 -16.13
N TRP C 192 -17.93 -20.61 -16.31
CA TRP C 192 -18.30 -21.19 -17.57
C TRP C 192 -19.13 -22.46 -17.45
N THR C 193 -19.87 -22.75 -18.48
CA THR C 193 -20.76 -23.91 -18.53
C THR C 193 -20.75 -24.45 -19.95
N ILE C 194 -20.57 -25.75 -20.07
CA ILE C 194 -20.63 -26.46 -21.34
C ILE C 194 -21.99 -27.14 -21.45
N VAL C 195 -22.61 -27.04 -22.63
CA VAL C 195 -23.95 -27.60 -22.85
C VAL C 195 -23.76 -28.58 -24.00
N LYS C 196 -24.09 -29.85 -23.76
CA LYS C 196 -23.89 -30.86 -24.76
C LYS C 196 -25.09 -30.90 -25.68
N PRO C 197 -24.96 -31.50 -26.86
CA PRO C 197 -26.12 -31.62 -27.77
C PRO C 197 -27.33 -32.24 -27.05
N GLY C 198 -28.50 -31.64 -27.29
CA GLY C 198 -29.70 -32.19 -26.65
C GLY C 198 -29.94 -31.74 -25.22
N ASP C 199 -28.97 -31.06 -24.60
CA ASP C 199 -29.09 -30.52 -23.26
C ASP C 199 -29.60 -29.09 -23.37
N VAL C 200 -29.65 -28.40 -22.23
CA VAL C 200 -30.26 -27.09 -22.14
C VAL C 200 -29.55 -26.33 -21.03
N LEU C 201 -29.45 -25.00 -21.21
CA LEU C 201 -28.85 -24.08 -20.26
C LEU C 201 -30.03 -23.44 -19.54
N VAL C 202 -29.96 -23.36 -18.22
CA VAL C 202 -30.93 -22.61 -17.44
C VAL C 202 -30.16 -21.62 -16.60
N ILE C 203 -30.60 -20.37 -16.60
CA ILE C 203 -29.98 -19.31 -15.82
C ILE C 203 -31.04 -18.75 -14.89
N ASN C 204 -30.76 -18.71 -13.60
CA ASN C 204 -31.73 -18.25 -12.62
C ASN C 204 -31.01 -17.28 -11.67
N SER C 205 -31.48 -16.04 -11.63
CA SER C 205 -30.81 -15.05 -10.80
C SER C 205 -31.79 -14.03 -10.27
N ASN C 206 -31.58 -13.59 -9.03
CA ASN C 206 -32.32 -12.46 -8.50
C ASN C 206 -31.37 -11.31 -8.18
N GLY C 207 -30.30 -11.22 -8.92
CA GLY C 207 -29.38 -10.10 -8.83
C GLY C 207 -27.97 -10.55 -9.11
N ASN C 208 -27.16 -9.59 -9.59
CA ASN C 208 -25.70 -9.73 -9.74
C ASN C 208 -25.24 -10.60 -10.88
N LEU C 209 -26.16 -11.01 -11.76
CA LEU C 209 -25.83 -11.82 -12.94
C LEU C 209 -25.16 -10.96 -14.02
N ILE C 210 -24.02 -11.43 -14.49
CA ILE C 210 -23.38 -10.88 -15.70
C ILE C 210 -23.72 -11.92 -16.77
N ALA C 211 -24.69 -11.58 -17.66
CA ALA C 211 -25.27 -12.63 -18.49
C ALA C 211 -24.42 -12.98 -19.73
N PRO C 212 -24.51 -14.22 -20.19
CA PRO C 212 -23.91 -14.57 -21.48
C PRO C 212 -24.75 -13.95 -22.61
N ARG C 213 -24.10 -13.72 -23.76
CA ARG C 213 -24.82 -13.23 -24.92
C ARG C 213 -25.06 -14.32 -25.96
N GLY C 214 -24.52 -15.50 -25.73
CA GLY C 214 -24.51 -16.54 -26.74
C GLY C 214 -23.46 -17.55 -26.34
N TYR C 215 -22.98 -18.31 -27.30
CA TYR C 215 -22.07 -19.38 -26.97
C TYR C 215 -20.87 -19.41 -27.93
N PHE C 216 -19.80 -20.00 -27.45
CA PHE C 216 -18.65 -20.30 -28.27
C PHE C 216 -18.80 -21.72 -28.78
N LYS C 217 -18.53 -21.91 -30.08
CA LYS C 217 -18.59 -23.25 -30.70
C LYS C 217 -17.33 -24.02 -30.32
N MET C 218 -17.48 -25.09 -29.55
CA MET C 218 -16.37 -25.95 -29.19
C MET C 218 -15.95 -26.84 -30.36
N ARG C 219 -14.65 -27.11 -30.45
CA ARG C 219 -14.10 -28.00 -31.45
C ARG C 219 -13.07 -28.90 -30.79
N THR C 220 -12.75 -30.00 -31.45
CA THR C 220 -11.62 -30.81 -31.04
C THR C 220 -10.56 -30.84 -32.13
N GLY C 221 -9.32 -31.00 -31.72
CA GLY C 221 -8.22 -31.05 -32.66
C GLY C 221 -6.90 -30.76 -31.96
N LYS C 222 -5.96 -30.25 -32.74
CA LYS C 222 -4.56 -30.14 -32.32
C LYS C 222 -4.16 -28.75 -31.83
N SER C 223 -5.11 -27.84 -31.62
CA SER C 223 -4.75 -26.46 -31.28
C SER C 223 -4.23 -26.34 -29.85
N SER C 224 -3.38 -25.34 -29.62
CA SER C 224 -2.87 -25.11 -28.27
C SER C 224 -2.52 -23.65 -28.12
N ILE C 225 -1.83 -23.33 -27.01
CA ILE C 225 -1.44 -21.98 -26.64
C ILE C 225 -0.04 -22.08 -26.05
N MET C 226 0.72 -21.01 -26.20
CA MET C 226 2.10 -20.90 -25.75
C MET C 226 2.38 -19.48 -25.31
N ARG C 227 3.19 -19.34 -24.25
CA ARG C 227 3.71 -18.04 -23.81
C ARG C 227 5.09 -17.86 -24.42
N SER C 228 5.26 -16.76 -25.14
CA SER C 228 6.52 -16.49 -25.80
C SER C 228 6.59 -15.02 -26.12
N ASP C 229 7.79 -14.46 -26.07
CA ASP C 229 8.04 -13.12 -26.57
C ASP C 229 8.81 -13.14 -27.87
N ALA C 230 8.98 -14.31 -28.50
CA ALA C 230 9.70 -14.39 -29.75
C ALA C 230 8.90 -13.75 -30.88
N PRO C 231 9.53 -12.95 -31.74
CA PRO C 231 8.83 -12.41 -32.90
C PRO C 231 8.44 -13.52 -33.87
N ILE C 232 7.44 -13.22 -34.67
CA ILE C 232 7.02 -14.11 -35.75
C ILE C 232 7.70 -13.61 -37.02
N ASP C 233 8.03 -14.56 -37.90
CA ASP C 233 8.56 -14.21 -39.21
C ASP C 233 8.04 -15.24 -40.22
N THR C 234 8.39 -15.01 -41.47
CA THR C 234 7.86 -15.77 -42.61
C THR C 234 8.91 -16.80 -43.00
N CYS C 235 8.65 -18.06 -42.66
CA CYS C 235 9.59 -19.16 -42.80
C CYS C 235 8.82 -20.42 -42.42
N ILE C 236 9.46 -21.57 -42.57
CA ILE C 236 8.75 -22.82 -42.36
C ILE C 236 9.49 -23.65 -41.30
N SER C 237 8.77 -24.04 -40.26
CA SER C 237 9.33 -25.02 -39.34
C SER C 237 8.13 -25.66 -38.66
N GLU C 238 8.15 -27.01 -38.59
CA GLU C 238 7.04 -27.73 -37.99
C GLU C 238 7.13 -27.66 -36.45
N CYS C 239 8.32 -27.42 -35.88
CA CYS C 239 8.49 -27.47 -34.44
C CYS C 239 8.74 -26.05 -33.92
N ILE C 240 7.91 -25.67 -32.93
CA ILE C 240 7.91 -24.34 -32.33
C ILE C 240 8.19 -24.46 -30.83
N THR C 241 9.12 -23.64 -30.33
CA THR C 241 9.31 -23.58 -28.89
C THR C 241 9.13 -22.12 -28.51
N PRO C 242 8.97 -21.79 -27.22
CA PRO C 242 8.85 -20.37 -26.87
C PRO C 242 10.08 -19.57 -27.23
N ASN C 243 11.24 -20.21 -27.32
CA ASN C 243 12.49 -19.56 -27.71
C ASN C 243 12.55 -19.28 -29.20
N GLY C 244 11.64 -19.87 -29.97
CA GLY C 244 11.68 -19.89 -31.42
C GLY C 244 11.52 -21.29 -31.97
N SER C 245 11.35 -21.35 -33.28
CA SER C 245 11.30 -22.64 -33.95
C SER C 245 12.68 -23.28 -33.90
N ILE C 246 12.72 -24.61 -33.95
CA ILE C 246 13.98 -25.34 -34.02
C ILE C 246 13.90 -26.44 -35.06
N PRO C 247 15.07 -26.78 -35.65
CA PRO C 247 15.14 -27.95 -36.53
C PRO C 247 14.68 -29.19 -35.81
N ASN C 248 14.10 -30.09 -36.57
CA ASN C 248 13.65 -31.35 -35.99
C ASN C 248 14.29 -32.60 -36.60
N ASP C 249 15.51 -32.47 -37.17
CA ASP C 249 16.26 -33.63 -37.70
C ASP C 249 16.86 -34.55 -36.62
N LYS C 250 17.22 -33.96 -35.35
CA LYS C 250 17.84 -34.60 -34.16
C LYS C 250 16.81 -35.16 -33.20
N PRO C 251 17.17 -36.23 -32.45
CA PRO C 251 16.18 -36.96 -31.63
C PRO C 251 15.85 -36.20 -30.35
N PHE C 252 16.74 -35.35 -29.95
CA PHE C 252 16.65 -34.62 -28.68
C PHE C 252 16.87 -33.13 -28.97
N GLN C 253 16.48 -32.32 -28.01
CA GLN C 253 16.64 -30.88 -28.07
C GLN C 253 16.81 -30.43 -26.64
N ASN C 254 17.53 -29.32 -26.45
CA ASN C 254 17.74 -28.79 -25.12
C ASN C 254 17.30 -27.34 -25.07
N VAL C 255 16.41 -26.96 -25.97
CA VAL C 255 15.95 -25.58 -26.05
C VAL C 255 14.86 -25.30 -25.02
N ASN C 256 13.80 -26.12 -25.02
CA ASN C 256 12.72 -25.85 -24.08
C ASN C 256 11.85 -27.08 -23.90
N LYS C 257 11.47 -27.36 -22.64
CA LYS C 257 10.53 -28.47 -22.42
C LYS C 257 9.13 -28.18 -22.98
N ILE C 258 8.77 -26.90 -23.19
CA ILE C 258 7.50 -26.53 -23.83
C ILE C 258 7.73 -26.54 -25.34
N THR C 259 6.97 -27.37 -26.04
CA THR C 259 7.11 -27.42 -27.49
C THR C 259 5.76 -27.63 -28.16
N TYR C 260 5.71 -27.34 -29.46
CA TYR C 260 4.48 -27.55 -30.23
C TYR C 260 4.88 -28.05 -31.61
N GLY C 261 4.27 -29.16 -32.00
CA GLY C 261 4.43 -29.78 -33.30
C GLY C 261 5.25 -31.05 -33.21
N ALA C 262 5.81 -31.46 -34.34
CA ALA C 262 6.66 -32.65 -34.45
C ALA C 262 8.07 -32.29 -34.03
N CYS C 263 8.40 -32.57 -32.77
CA CYS C 263 9.56 -32.01 -32.11
C CYS C 263 10.46 -33.10 -31.53
N PRO C 264 11.78 -32.85 -31.52
CA PRO C 264 12.69 -33.71 -30.78
C PRO C 264 12.36 -33.74 -29.29
N LYS C 265 12.82 -34.80 -28.63
CA LYS C 265 12.57 -34.95 -27.20
C LYS C 265 13.48 -34.10 -26.34
N TYR C 266 12.89 -33.49 -25.32
CA TYR C 266 13.67 -32.63 -24.44
C TYR C 266 14.57 -33.47 -23.53
N VAL C 267 15.85 -33.09 -23.49
CA VAL C 267 16.83 -33.72 -22.59
C VAL C 267 17.67 -32.67 -21.86
C1 NAG D . -37.61 -21.89 -14.29
C2 NAG D . -39.00 -22.36 -13.88
C3 NAG D . -38.96 -23.88 -13.64
C4 NAG D . -38.28 -24.67 -14.78
C5 NAG D . -37.03 -23.98 -15.38
C6 NAG D . -36.78 -24.56 -16.77
C7 NAG D . -38.74 -21.41 -11.57
C8 NAG D . -39.33 -20.45 -10.57
N2 NAG D . -39.43 -21.54 -12.73
O3 NAG D . -40.27 -24.43 -13.42
O4 NAG D . -37.87 -25.96 -14.27
O5 NAG D . -37.18 -22.55 -15.49
O6 NAG D . -37.87 -24.25 -17.68
O7 NAG D . -37.70 -22.02 -11.34
#